data_4ZRO
#
_entry.id   4ZRO
#
_cell.length_a   100.449
_cell.length_b   101.896
_cell.length_c   110.158
_cell.angle_alpha   90.000
_cell.angle_beta   90.000
_cell.angle_gamma   90.000
#
_symmetry.space_group_name_H-M   'P 21 21 21'
#
loop_
_entity.id
_entity.type
_entity.pdbx_description
1 polymer '3C-like proteinase'
2 polymer 'Bounded inhibitor of N-(tert-butoxycarbonyl)-L-seryl-L-valyl-N-{(2S)-5-ethoxy-5-oxo-1-[(3S)-2-oxopyrrolidin-3-yl]pentan-2-yl}-L-leucinamide'
3 non-polymer 'DIMETHYL SULFOXIDE'
4 water water
#
loop_
_entity_poly.entity_id
_entity_poly.type
_entity_poly.pdbx_seq_one_letter_code
_entity_poly.pdbx_strand_id
1 'polypeptide(L)'
;SGLRKMAQPSGVVEPCIVRVAYGNNVLNGLWLGDEVICPRHVIASDTSRVINYENELSSVRLHNFSIAKNNAFLGVVSAK
YKGVNLVLKVNQVNPNTPEHKFKSVRPGESFNILACYEGCPGSVYGVNMRSQGTIKGSFIAGTCGSVGYVLENGTLYFVY
MHHLELGNGSHVGSNLEGEMYGGYEDQPSMQLEGTNVMSSDNVVAFLYAALINGERWFVTNTSMTLESYNAWAKTNSFTE
IVSTDAFNMLAAKTGYSVEKLLECIVRLNKGFGGRTILSYGSLCDEFTPTEVIRQMYGV
;
A,B,C,D
2 'polypeptide(L)' (BOC)SVL(CEV) E,F,G,H
#
loop_
_chem_comp.id
_chem_comp.type
_chem_comp.name
_chem_comp.formula
BOC non-polymer 'TERT-BUTYL HYDROGEN CARBONATE' 'C5 H10 O3'
CEV non-polymer 'ethyl (4R)-4-amino-5-[(3S)-2-oxopyrrolidin-3-yl]pentanoate' 'C11 H20 N2 O3'
DMS non-polymer 'DIMETHYL SULFOXIDE' 'C2 H6 O S'
#
# COMPACT_ATOMS: atom_id res chain seq x y z
N SER A 1 -10.52 -11.11 27.03
CA SER A 1 -10.10 -12.13 26.06
C SER A 1 -11.05 -12.22 24.87
N GLY A 2 -10.75 -13.14 23.96
CA GLY A 2 -11.56 -13.36 22.76
C GLY A 2 -10.86 -12.90 21.46
N LEU A 3 -11.08 -13.64 20.38
CA LEU A 3 -10.52 -13.29 19.07
C LEU A 3 -11.63 -13.11 18.04
N ARG A 4 -11.75 -11.90 17.49
CA ARG A 4 -12.73 -11.64 16.43
C ARG A 4 -12.07 -10.90 15.27
N LYS A 5 -12.48 -11.20 14.03
CA LYS A 5 -12.13 -10.36 12.87
C LYS A 5 -12.79 -8.99 13.04
N MET A 6 -11.98 -7.97 13.29
CA MET A 6 -12.54 -6.64 13.46
C MET A 6 -12.21 -5.73 12.30
N ALA A 7 -12.98 -4.65 12.20
CA ALA A 7 -12.69 -3.56 11.29
C ALA A 7 -12.37 -2.33 12.11
N GLN A 8 -11.53 -1.45 11.59
CA GLN A 8 -11.29 -0.16 12.22
C GLN A 8 -12.50 0.73 11.93
N PRO A 9 -12.76 1.72 12.79
CA PRO A 9 -13.99 2.51 12.66
C PRO A 9 -14.11 3.22 11.29
N SER A 10 -15.32 3.27 10.75
CA SER A 10 -15.52 3.74 9.39
C SER A 10 -15.94 5.21 9.29
N GLY A 11 -16.07 5.87 10.45
CA GLY A 11 -16.62 7.21 10.49
C GLY A 11 -15.99 8.21 9.54
N VAL A 12 -14.68 8.17 9.46
CA VAL A 12 -13.96 9.16 8.69
C VAL A 12 -14.14 8.90 7.19
N VAL A 13 -14.49 7.67 6.84
CA VAL A 13 -14.69 7.28 5.43
C VAL A 13 -16.12 7.48 4.92
N GLU A 14 -17.11 7.19 5.76
CA GLU A 14 -18.53 7.31 5.37
C GLU A 14 -18.96 8.59 4.61
N PRO A 15 -18.51 9.78 5.04
CA PRO A 15 -18.92 10.98 4.28
C PRO A 15 -18.29 11.11 2.90
N CYS A 16 -17.41 10.18 2.51
CA CYS A 16 -16.75 10.26 1.19
C CYS A 16 -17.41 9.34 0.18
N ILE A 17 -18.39 8.58 0.65
CA ILE A 17 -19.08 7.63 -0.22
C ILE A 17 -20.22 8.30 -0.94
N VAL A 18 -20.22 8.24 -2.27
CA VAL A 18 -21.31 8.82 -3.05
C VAL A 18 -21.89 7.79 -3.98
N ARG A 19 -23.07 8.11 -4.50
CA ARG A 19 -23.77 7.29 -5.44
C ARG A 19 -23.45 7.78 -6.84
N VAL A 20 -22.86 6.90 -7.67
CA VAL A 20 -22.57 7.26 -9.07
C VAL A 20 -23.48 6.45 -10.00
N ALA A 21 -24.25 7.18 -10.80
CA ALA A 21 -25.13 6.60 -11.82
C ALA A 21 -24.71 7.00 -13.22
N TYR A 22 -24.71 6.03 -14.13
CA TYR A 22 -24.58 6.28 -15.56
C TYR A 22 -25.40 5.25 -16.34
N GLY A 23 -26.31 5.70 -17.20
CA GLY A 23 -27.16 4.77 -17.93
C GLY A 23 -28.00 3.95 -16.96
N ASN A 24 -27.90 2.64 -17.07
CA ASN A 24 -28.65 1.72 -16.23
C ASN A 24 -27.78 1.12 -15.12
N ASN A 25 -26.55 1.61 -15.02
CA ASN A 25 -25.67 1.18 -13.95
C ASN A 25 -25.72 2.14 -12.78
N VAL A 26 -25.66 1.59 -11.58
CA VAL A 26 -25.56 2.40 -10.38
C VAL A 26 -24.52 1.73 -9.51
N LEU A 27 -23.50 2.48 -9.08
CA LEU A 27 -22.56 1.95 -8.09
C LEU A 27 -22.04 3.05 -7.15
N ASN A 28 -20.95 2.73 -6.46
CA ASN A 28 -20.37 3.62 -5.46
C ASN A 28 -19.09 4.29 -5.93
N GLY A 29 -18.88 5.52 -5.49
CA GLY A 29 -17.65 6.24 -5.78
C GLY A 29 -17.06 6.87 -4.52
N LEU A 30 -15.79 7.25 -4.60
CA LEU A 30 -15.11 7.88 -3.51
C LEU A 30 -14.87 9.37 -3.80
N TRP A 31 -15.48 10.22 -3.00
CA TRP A 31 -15.44 11.66 -3.23
C TRP A 31 -14.46 12.32 -2.29
N LEU A 32 -13.38 12.84 -2.86
CA LEU A 32 -12.32 13.51 -2.10
C LEU A 32 -11.92 14.76 -2.82
N GLY A 33 -11.77 15.85 -2.09
CA GLY A 33 -11.59 17.15 -2.72
C GLY A 33 -12.72 17.35 -3.72
N ASP A 34 -12.37 17.75 -4.94
CA ASP A 34 -13.35 17.98 -5.98
C ASP A 34 -13.38 16.87 -7.01
N GLU A 35 -12.99 15.66 -6.62
CA GLU A 35 -13.08 14.57 -7.56
C GLU A 35 -13.68 13.28 -6.95
N VAL A 36 -14.30 12.51 -7.82
CA VAL A 36 -14.93 11.26 -7.46
C VAL A 36 -14.27 10.12 -8.24
N ILE A 37 -13.78 9.10 -7.53
CA ILE A 37 -13.18 7.93 -8.17
C ILE A 37 -14.17 6.76 -8.15
N CYS A 38 -14.33 6.07 -9.27
CA CYS A 38 -15.21 4.91 -9.25
C CYS A 38 -14.77 3.88 -10.29
N PRO A 39 -15.33 2.66 -10.25
CA PRO A 39 -14.93 1.67 -11.25
C PRO A 39 -15.37 2.12 -12.63
N ARG A 40 -14.54 1.94 -13.65
CA ARG A 40 -14.85 2.55 -14.92
C ARG A 40 -15.99 1.84 -15.63
N HIS A 41 -16.34 0.62 -15.20
CA HIS A 41 -17.44 -0.11 -15.86
C HIS A 41 -18.82 0.46 -15.55
N VAL A 42 -18.89 1.51 -14.73
CA VAL A 42 -20.16 2.20 -14.55
C VAL A 42 -20.65 2.81 -15.89
N ILE A 43 -19.76 3.06 -16.85
CA ILE A 43 -20.22 3.56 -18.15
C ILE A 43 -20.46 2.46 -19.20
N ALA A 44 -20.24 1.21 -18.82
CA ALA A 44 -20.44 0.10 -19.77
C ALA A 44 -21.92 -0.23 -19.93
N SER A 45 -22.40 -0.26 -21.17
CA SER A 45 -23.80 -0.55 -21.45
C SER A 45 -24.22 -1.99 -21.13
N ASP A 46 -23.28 -2.93 -21.17
CA ASP A 46 -23.62 -4.32 -20.88
C ASP A 46 -22.46 -5.03 -20.20
N THR A 47 -22.45 -5.01 -18.87
CA THR A 47 -21.35 -5.55 -18.08
C THR A 47 -21.25 -7.08 -18.10
N SER A 48 -22.22 -7.75 -18.72
CA SER A 48 -22.20 -9.20 -18.81
C SER A 48 -21.54 -9.74 -20.08
N ARG A 49 -21.24 -8.86 -21.02
CA ARG A 49 -20.59 -9.25 -22.27
C ARG A 49 -19.28 -8.51 -22.35
N VAL A 50 -18.42 -8.90 -23.30
CA VAL A 50 -17.11 -8.27 -23.42
C VAL A 50 -17.28 -6.77 -23.56
N ILE A 51 -16.40 -6.02 -22.91
CA ILE A 51 -16.52 -4.56 -22.88
C ILE A 51 -15.35 -3.90 -23.61
N ASN A 52 -15.67 -3.06 -24.59
CA ASN A 52 -14.64 -2.30 -25.27
C ASN A 52 -14.54 -0.95 -24.59
N TYR A 53 -13.56 -0.79 -23.72
CA TYR A 53 -13.48 0.41 -22.90
C TYR A 53 -13.12 1.67 -23.70
N GLU A 54 -12.41 1.51 -24.81
CA GLU A 54 -12.15 2.65 -25.70
C GLU A 54 -13.43 3.21 -26.29
N ASN A 55 -14.22 2.33 -26.90
CA ASN A 55 -15.51 2.71 -27.44
C ASN A 55 -16.44 3.27 -26.38
N GLU A 56 -16.47 2.66 -25.19
CA GLU A 56 -17.37 3.17 -24.16
C GLU A 56 -17.03 4.61 -23.82
N LEU A 57 -15.73 4.88 -23.66
CA LEU A 57 -15.29 6.22 -23.31
C LEU A 57 -15.62 7.28 -24.38
N SER A 58 -15.50 6.93 -25.65
CA SER A 58 -15.92 7.85 -26.72
C SER A 58 -17.41 8.15 -26.65
N SER A 59 -18.19 7.18 -26.20
CA SER A 59 -19.64 7.32 -26.12
C SER A 59 -20.12 8.17 -24.96
N VAL A 60 -19.23 8.43 -24.01
CA VAL A 60 -19.60 9.14 -22.78
C VAL A 60 -20.04 10.58 -23.03
N ARG A 61 -21.17 10.97 -22.44
CA ARG A 61 -21.49 12.39 -22.27
C ARG A 61 -21.51 12.71 -20.78
N LEU A 62 -20.87 13.80 -20.40
CA LEU A 62 -20.76 14.17 -18.99
C LEU A 62 -22.14 14.37 -18.34
N HIS A 63 -23.11 14.86 -19.11
CA HIS A 63 -24.43 15.14 -18.53
C HIS A 63 -25.22 13.87 -18.25
N ASN A 64 -24.74 12.73 -18.73
CA ASN A 64 -25.40 11.47 -18.39
C ASN A 64 -25.01 10.92 -17.01
N PHE A 65 -23.96 11.48 -16.40
CA PHE A 65 -23.59 11.07 -15.04
C PHE A 65 -24.55 11.64 -14.04
N SER A 66 -24.91 10.84 -13.05
CA SER A 66 -25.60 11.36 -11.89
C SER A 66 -24.79 10.98 -10.64
N ILE A 67 -24.33 11.98 -9.91
CA ILE A 67 -23.57 11.75 -8.68
C ILE A 67 -24.27 12.42 -7.51
N ALA A 68 -24.46 11.67 -6.42
CA ALA A 68 -25.23 12.17 -5.31
C ALA A 68 -24.68 11.73 -3.96
N LYS A 69 -24.61 12.69 -3.04
CA LYS A 69 -24.32 12.42 -1.63
C LYS A 69 -25.60 12.74 -0.87
N ASN A 70 -26.12 11.70 -0.23
CA ASN A 70 -27.48 11.68 0.27
C ASN A 70 -28.33 11.98 -0.96
N ASN A 71 -29.00 13.13 -1.01
CA ASN A 71 -29.56 13.48 -2.32
C ASN A 71 -29.30 14.93 -2.67
N ALA A 72 -28.05 15.33 -2.48
CA ALA A 72 -27.50 16.54 -3.06
C ALA A 72 -26.71 16.15 -4.30
N PHE A 73 -27.10 16.66 -5.46
CA PHE A 73 -26.47 16.20 -6.69
C PHE A 73 -25.22 17.01 -7.03
N LEU A 74 -24.20 16.30 -7.50
CA LEU A 74 -22.90 16.86 -7.84
C LEU A 74 -22.75 16.84 -9.34
N GLY A 75 -22.41 17.97 -9.95
CA GLY A 75 -22.27 17.98 -11.40
C GLY A 75 -20.87 17.66 -11.87
N VAL A 76 -20.77 16.71 -12.79
CA VAL A 76 -19.49 16.29 -13.37
C VAL A 76 -19.02 17.26 -14.44
N VAL A 77 -17.80 17.77 -14.29
CA VAL A 77 -17.31 18.69 -15.29
C VAL A 77 -16.20 18.06 -16.15
N SER A 78 -15.74 16.87 -15.76
CA SER A 78 -14.66 16.23 -16.49
C SER A 78 -14.56 14.75 -16.11
N ALA A 79 -14.19 13.93 -17.09
CA ALA A 79 -14.08 12.48 -16.85
C ALA A 79 -12.88 11.94 -17.60
N LYS A 80 -12.10 11.12 -16.90
CA LYS A 80 -10.99 10.41 -17.51
C LYS A 80 -10.83 8.99 -16.92
N TYR A 81 -10.33 8.06 -17.73
CA TYR A 81 -9.88 6.79 -17.20
C TYR A 81 -8.55 7.00 -16.52
N LYS A 82 -8.35 6.40 -15.36
CA LYS A 82 -7.00 6.19 -14.87
C LYS A 82 -6.88 4.72 -14.54
N GLY A 83 -6.22 3.97 -15.40
CA GLY A 83 -6.22 2.52 -15.26
C GLY A 83 -7.65 2.00 -15.39
N VAL A 84 -8.11 1.21 -14.41
CA VAL A 84 -9.46 0.66 -14.47
C VAL A 84 -10.46 1.51 -13.68
N ASN A 85 -10.02 2.65 -13.17
CA ASN A 85 -10.91 3.59 -12.50
C ASN A 85 -11.30 4.78 -13.40
N LEU A 86 -12.51 5.27 -13.22
CA LEU A 86 -12.91 6.57 -13.74
C LEU A 86 -12.56 7.64 -12.70
N VAL A 87 -11.95 8.73 -13.11
CA VAL A 87 -11.77 9.87 -12.22
C VAL A 87 -12.64 11.03 -12.73
N LEU A 88 -13.63 11.41 -11.93
CA LEU A 88 -14.63 12.39 -12.33
C LEU A 88 -14.42 13.67 -11.55
N LYS A 89 -14.23 14.77 -12.26
CA LYS A 89 -14.12 16.06 -11.60
C LYS A 89 -15.54 16.59 -11.39
N VAL A 90 -15.83 17.11 -10.20
CA VAL A 90 -17.11 17.76 -9.93
C VAL A 90 -16.85 19.18 -9.42
N ASN A 91 -17.84 20.04 -9.44
CA ASN A 91 -17.58 21.41 -9.03
C ASN A 91 -17.42 21.51 -7.50
N GLN A 92 -18.15 20.69 -6.77
CA GLN A 92 -18.16 20.76 -5.31
C GLN A 92 -17.01 20.03 -4.63
N VAL A 93 -16.30 20.73 -3.76
CA VAL A 93 -15.28 20.12 -2.91
C VAL A 93 -15.96 19.44 -1.75
N ASN A 94 -15.61 18.18 -1.51
CA ASN A 94 -16.18 17.48 -0.36
C ASN A 94 -15.72 18.17 0.91
N PRO A 95 -16.66 18.79 1.63
CA PRO A 95 -16.21 19.56 2.79
C PRO A 95 -15.76 18.62 3.92
N ASN A 96 -16.04 17.33 3.80
CA ASN A 96 -15.57 16.37 4.81
C ASN A 96 -14.45 15.48 4.32
N THR A 97 -13.68 15.96 3.37
CA THR A 97 -12.50 15.24 2.92
C THR A 97 -11.53 15.06 4.08
N PRO A 98 -11.24 13.80 4.44
CA PRO A 98 -10.25 13.61 5.50
C PRO A 98 -8.86 13.75 4.94
N GLU A 99 -7.90 14.02 5.82
CA GLU A 99 -6.51 13.87 5.46
C GLU A 99 -6.26 12.39 5.17
N HIS A 100 -5.62 12.10 4.04
CA HIS A 100 -5.50 10.74 3.58
C HIS A 100 -4.34 10.56 2.64
N LYS A 101 -3.97 9.30 2.42
CA LYS A 101 -3.04 8.93 1.36
C LYS A 101 -3.59 7.72 0.61
N PHE A 102 -3.10 7.52 -0.62
CA PHE A 102 -3.32 6.28 -1.36
C PHE A 102 -2.09 5.39 -1.19
N LYS A 103 -2.30 4.11 -0.90
CA LYS A 103 -1.25 3.09 -1.04
C LYS A 103 -1.94 1.78 -1.39
N SER A 104 -1.17 0.76 -1.76
CA SER A 104 -1.74 -0.57 -1.96
C SER A 104 -1.54 -1.46 -0.73
N VAL A 105 -2.17 -2.64 -0.72
CA VAL A 105 -1.86 -3.66 0.28
C VAL A 105 -1.15 -4.89 -0.36
N ARG A 106 -0.25 -5.50 0.42
CA ARG A 106 0.47 -6.72 0.04
C ARG A 106 -0.29 -7.97 0.46
N PRO A 107 0.06 -9.13 -0.13
CA PRO A 107 -0.45 -10.40 0.42
C PRO A 107 -0.22 -10.46 1.92
N GLY A 108 -1.19 -10.98 2.66
CA GLY A 108 -1.09 -11.06 4.11
C GLY A 108 -1.54 -9.84 4.88
N GLU A 109 -1.67 -8.72 4.19
CA GLU A 109 -2.00 -7.47 4.87
C GLU A 109 -3.51 -7.35 5.06
N SER A 110 -3.91 -6.89 6.23
CA SER A 110 -5.32 -6.76 6.57
C SER A 110 -5.84 -5.34 6.28
N PHE A 111 -7.09 -5.24 5.85
CA PHE A 111 -7.69 -3.92 5.70
C PHE A 111 -9.18 -3.97 5.91
N ASN A 112 -9.80 -2.79 5.90
CA ASN A 112 -11.21 -2.66 6.16
C ASN A 112 -12.04 -2.42 4.91
N ILE A 113 -13.13 -3.16 4.77
CA ILE A 113 -14.08 -2.91 3.71
C ILE A 113 -15.28 -2.16 4.26
N LEU A 114 -15.58 -1.00 3.67
CA LEU A 114 -16.86 -0.34 3.87
C LEU A 114 -17.73 -0.69 2.67
N ALA A 115 -18.60 -1.69 2.84
CA ALA A 115 -19.46 -2.14 1.77
C ALA A 115 -20.66 -1.22 1.65
N CYS A 116 -20.89 -0.77 0.44
CA CYS A 116 -21.86 0.27 0.18
C CYS A 116 -22.87 -0.20 -0.85
N TYR A 117 -24.09 0.30 -0.73
CA TYR A 117 -25.10 -0.01 -1.72
C TYR A 117 -25.68 1.28 -2.29
N GLU A 118 -25.43 1.49 -3.58
CA GLU A 118 -25.92 2.65 -4.31
C GLU A 118 -25.67 3.97 -3.58
N GLY A 119 -24.48 4.13 -3.03
CA GLY A 119 -24.11 5.39 -2.40
C GLY A 119 -24.33 5.41 -0.91
N CYS A 120 -24.91 4.34 -0.38
CA CYS A 120 -25.23 4.26 1.05
CA CYS A 120 -25.21 4.27 1.04
C CYS A 120 -24.35 3.22 1.74
N PRO A 121 -23.46 3.67 2.64
CA PRO A 121 -22.65 2.70 3.40
C PRO A 121 -23.57 1.76 4.15
N GLY A 122 -23.33 0.46 4.05
CA GLY A 122 -24.22 -0.51 4.66
C GLY A 122 -23.56 -1.44 5.67
N SER A 123 -22.30 -1.78 5.44
CA SER A 123 -21.61 -2.58 6.42
C SER A 123 -20.10 -2.38 6.35
N VAL A 124 -19.43 -2.81 7.40
CA VAL A 124 -17.99 -2.66 7.50
C VAL A 124 -17.41 -3.93 8.13
N TYR A 125 -16.32 -4.45 7.56
CA TYR A 125 -15.71 -5.70 8.05
C TYR A 125 -14.26 -5.79 7.61
N GLY A 126 -13.44 -6.51 8.38
CA GLY A 126 -12.03 -6.66 8.05
C GLY A 126 -11.84 -7.80 7.05
N VAL A 127 -10.89 -7.62 6.15
CA VAL A 127 -10.51 -8.67 5.22
C VAL A 127 -9.00 -8.82 5.20
N ASN A 128 -8.48 -9.69 4.35
CA ASN A 128 -7.05 -9.88 4.27
C ASN A 128 -6.64 -10.16 2.83
N MET A 129 -5.67 -9.42 2.29
CA MET A 129 -5.24 -9.60 0.89
C MET A 129 -4.52 -10.93 0.75
N ARG A 130 -4.88 -11.70 -0.27
CA ARG A 130 -4.23 -12.99 -0.50
C ARG A 130 -3.19 -12.86 -1.58
N SER A 131 -2.37 -13.90 -1.73
CA SER A 131 -1.22 -13.87 -2.61
C SER A 131 -1.58 -13.72 -4.09
N GLN A 132 -2.72 -14.26 -4.49
CA GLN A 132 -3.17 -14.11 -5.88
C GLN A 132 -3.86 -12.77 -6.14
N GLY A 133 -3.91 -11.91 -5.13
CA GLY A 133 -4.44 -10.57 -5.34
C GLY A 133 -5.95 -10.51 -5.17
N THR A 134 -6.51 -11.51 -4.51
CA THR A 134 -7.95 -11.56 -4.28
C THR A 134 -8.28 -11.47 -2.81
N ILE A 135 -9.51 -11.07 -2.51
CA ILE A 135 -9.99 -11.14 -1.14
C ILE A 135 -11.25 -11.97 -1.08
N LYS A 136 -11.57 -12.48 0.11
CA LYS A 136 -12.87 -13.08 0.37
C LYS A 136 -13.67 -12.01 1.04
N GLY A 137 -14.49 -11.30 0.26
CA GLY A 137 -15.05 -10.06 0.73
C GLY A 137 -16.56 -9.98 0.76
N SER A 138 -17.23 -11.11 0.58
CA SER A 138 -18.69 -11.12 0.65
C SER A 138 -19.41 -9.98 -0.11
N PHE A 139 -18.93 -9.63 -1.30
CA PHE A 139 -19.61 -8.61 -2.09
C PHE A 139 -20.76 -9.20 -2.91
N ILE A 140 -21.77 -8.39 -3.19
CA ILE A 140 -22.87 -8.80 -4.03
C ILE A 140 -23.15 -7.71 -5.06
N ALA A 141 -24.21 -7.87 -5.86
CA ALA A 141 -24.59 -6.87 -6.83
C ALA A 141 -24.93 -5.56 -6.14
N GLY A 142 -24.53 -4.43 -6.73
CA GLY A 142 -24.80 -3.13 -6.14
C GLY A 142 -23.69 -2.64 -5.24
N THR A 143 -22.69 -3.49 -4.97
CA THR A 143 -21.60 -3.11 -4.08
C THR A 143 -20.30 -2.71 -4.76
N CYS A 144 -20.28 -2.64 -6.10
CA CYS A 144 -19.05 -2.21 -6.77
C CYS A 144 -18.71 -0.79 -6.37
N GLY A 145 -17.42 -0.48 -6.31
CA GLY A 145 -17.02 0.85 -5.86
C GLY A 145 -16.91 0.92 -4.35
N SER A 146 -17.30 -0.14 -3.66
CA SER A 146 -17.10 -0.19 -2.21
C SER A 146 -15.62 0.00 -1.89
N VAL A 147 -15.33 0.59 -0.75
CA VAL A 147 -13.99 1.09 -0.49
C VAL A 147 -13.27 0.33 0.60
N GLY A 148 -12.01 -0.01 0.34
CA GLY A 148 -11.13 -0.59 1.34
C GLY A 148 -10.18 0.48 1.85
N TYR A 149 -9.99 0.52 3.17
CA TYR A 149 -9.13 1.53 3.78
C TYR A 149 -8.34 0.91 4.96
N VAL A 150 -7.22 1.54 5.32
CA VAL A 150 -6.45 1.16 6.50
C VAL A 150 -6.13 2.39 7.30
N LEU A 151 -6.15 2.28 8.62
CA LEU A 151 -5.63 3.29 9.50
C LEU A 151 -4.36 2.72 10.11
N GLU A 152 -3.27 3.42 9.89
CA GLU A 152 -1.97 2.93 10.30
C GLU A 152 -1.12 4.13 10.62
N ASN A 153 -0.58 4.17 11.84
CA ASN A 153 0.31 5.25 12.23
C ASN A 153 -0.40 6.60 12.17
N GLY A 154 -1.70 6.58 12.49
CA GLY A 154 -2.51 7.79 12.51
C GLY A 154 -2.74 8.35 11.11
N THR A 155 -2.53 7.53 10.10
CA THR A 155 -2.74 7.96 8.73
C THR A 155 -3.87 7.13 8.13
N LEU A 156 -4.79 7.80 7.45
CA LEU A 156 -5.85 7.11 6.74
C LEU A 156 -5.37 6.79 5.32
N TYR A 157 -5.33 5.51 5.00
CA TYR A 157 -5.00 5.07 3.65
C TYR A 157 -6.21 4.50 2.92
N PHE A 158 -6.44 4.92 1.69
CA PHE A 158 -7.38 4.20 0.83
C PHE A 158 -6.59 3.21 -0.03
N VAL A 159 -7.02 1.95 -0.05
CA VAL A 159 -6.20 0.91 -0.66
C VAL A 159 -6.95 0.02 -1.64
N TYR A 160 -8.28 0.12 -1.65
CA TYR A 160 -9.07 -0.84 -2.43
C TYR A 160 -10.37 -0.24 -2.92
N MET A 161 -10.72 -0.61 -4.15
CA MET A 161 -12.05 -0.29 -4.67
C MET A 161 -12.58 -1.53 -5.38
N HIS A 162 -13.81 -1.92 -5.08
CA HIS A 162 -14.30 -3.22 -5.54
C HIS A 162 -14.79 -3.21 -7.00
N HIS A 163 -14.37 -4.20 -7.79
CA HIS A 163 -14.80 -4.31 -9.19
C HIS A 163 -15.60 -5.57 -9.54
N LEU A 164 -15.16 -6.74 -9.08
CA LEU A 164 -15.79 -7.98 -9.57
C LEU A 164 -15.53 -9.22 -8.71
N GLU A 165 -16.30 -10.27 -9.00
CA GLU A 165 -16.19 -11.56 -8.34
C GLU A 165 -15.77 -12.60 -9.36
N LEU A 166 -14.72 -13.35 -9.08
CA LEU A 166 -14.27 -14.40 -9.99
C LEU A 166 -15.27 -15.55 -9.97
N GLY A 167 -15.12 -16.47 -10.91
CA GLY A 167 -15.95 -17.66 -10.96
C GLY A 167 -15.91 -18.46 -9.67
N ASN A 168 -14.78 -18.49 -9.00
CA ASN A 168 -14.68 -19.27 -7.76
C ASN A 168 -15.19 -18.50 -6.53
N GLY A 169 -15.71 -17.30 -6.75
CA GLY A 169 -16.25 -16.51 -5.66
C GLY A 169 -15.30 -15.52 -5.00
N SER A 170 -14.02 -15.57 -5.37
CA SER A 170 -13.07 -14.62 -4.80
C SER A 170 -13.34 -13.24 -5.37
N HIS A 171 -12.89 -12.22 -4.66
CA HIS A 171 -13.23 -10.86 -5.03
C HIS A 171 -12.02 -10.04 -5.46
N VAL A 172 -12.24 -9.24 -6.51
CA VAL A 172 -11.19 -8.52 -7.18
C VAL A 172 -11.51 -7.03 -7.24
N GLY A 173 -10.54 -6.21 -6.84
CA GLY A 173 -10.70 -4.78 -6.94
C GLY A 173 -9.41 -4.14 -7.37
N SER A 174 -9.38 -2.81 -7.33
CA SER A 174 -8.20 -2.05 -7.70
C SER A 174 -7.71 -1.22 -6.53
N ASN A 175 -6.50 -0.70 -6.63
CA ASN A 175 -6.13 0.35 -5.71
C ASN A 175 -6.72 1.67 -6.24
N LEU A 176 -6.50 2.76 -5.53
CA LEU A 176 -7.18 4.00 -5.87
C LEU A 176 -6.44 4.72 -6.99
N GLU A 177 -5.42 4.06 -7.53
CA GLU A 177 -4.70 4.62 -8.66
C GLU A 177 -5.02 3.86 -9.93
N GLY A 178 -6.02 2.98 -9.85
CA GLY A 178 -6.55 2.31 -11.03
C GLY A 178 -5.84 1.03 -11.45
N GLU A 179 -4.95 0.53 -10.60
CA GLU A 179 -4.27 -0.74 -10.85
C GLU A 179 -5.04 -1.87 -10.19
N MET A 180 -5.48 -2.84 -10.99
CA MET A 180 -6.21 -4.00 -10.48
C MET A 180 -5.29 -4.92 -9.69
N TYR A 181 -5.71 -5.34 -8.50
CA TYR A 181 -4.92 -6.34 -7.76
C TYR A 181 -4.89 -7.64 -8.55
N GLY A 182 -3.77 -8.36 -8.48
CA GLY A 182 -3.69 -9.64 -9.17
C GLY A 182 -3.59 -9.51 -10.69
N GLY A 183 -3.62 -8.28 -11.18
CA GLY A 183 -3.56 -8.01 -12.61
C GLY A 183 -4.78 -8.49 -13.38
N TYR A 184 -5.87 -8.79 -12.67
CA TYR A 184 -7.10 -9.24 -13.32
C TYR A 184 -7.66 -8.10 -14.15
N GLU A 185 -8.46 -8.42 -15.15
CA GLU A 185 -9.04 -7.30 -15.88
C GLU A 185 -10.51 -7.19 -15.61
N ASP A 186 -11.02 -5.99 -15.81
CA ASP A 186 -12.40 -5.68 -15.49
C ASP A 186 -13.32 -6.10 -16.66
N GLN A 187 -13.35 -7.41 -16.91
CA GLN A 187 -14.17 -8.05 -17.93
C GLN A 187 -14.93 -9.25 -17.36
N PRO A 188 -16.14 -9.53 -17.88
CA PRO A 188 -16.93 -10.69 -17.43
C PRO A 188 -16.40 -12.03 -17.94
N SER A 189 -15.15 -12.04 -18.36
CA SER A 189 -14.58 -13.22 -18.98
C SER A 189 -14.10 -14.19 -17.90
N MET A 190 -13.78 -15.42 -18.30
CA MET A 190 -13.30 -16.41 -17.35
C MET A 190 -11.87 -16.10 -16.90
N GLN A 191 -11.70 -15.81 -15.61
CA GLN A 191 -10.38 -15.53 -15.08
C GLN A 191 -10.09 -16.46 -13.90
N LEU A 192 -8.97 -17.16 -13.94
CA LEU A 192 -8.63 -18.15 -12.92
C LEU A 192 -7.84 -17.53 -11.79
N GLU A 193 -8.16 -17.88 -10.55
CA GLU A 193 -7.43 -17.28 -9.43
C GLU A 193 -5.98 -17.78 -9.34
N GLY A 194 -5.78 -19.08 -9.11
CA GLY A 194 -4.43 -19.61 -9.00
C GLY A 194 -4.01 -20.03 -7.60
N THR A 195 -2.70 -20.23 -7.42
CA THR A 195 -2.14 -20.84 -6.21
C THR A 195 -2.09 -19.91 -5.01
N ASN A 196 -2.95 -20.15 -4.03
CA ASN A 196 -2.96 -19.29 -2.85
C ASN A 196 -1.91 -19.67 -1.81
N VAL A 197 -1.01 -18.74 -1.50
CA VAL A 197 0.07 -19.00 -0.56
C VAL A 197 -0.26 -18.46 0.85
N MET A 198 -0.14 -19.31 1.87
CA MET A 198 -0.52 -18.92 3.23
C MET A 198 0.45 -17.93 3.84
N SER A 199 -0.06 -16.87 4.47
CA SER A 199 0.83 -15.90 5.09
C SER A 199 1.38 -16.44 6.43
N SER A 200 2.68 -16.73 6.46
CA SER A 200 3.27 -17.41 7.62
C SER A 200 3.27 -16.52 8.86
N ASP A 201 3.57 -15.24 8.69
CA ASP A 201 3.55 -14.28 9.79
CA ASP A 201 3.57 -14.33 9.82
C ASP A 201 2.18 -14.24 10.46
N ASN A 202 1.15 -14.23 9.64
CA ASN A 202 -0.23 -14.24 10.13
C ASN A 202 -0.58 -15.51 10.89
N VAL A 203 -0.10 -16.64 10.39
CA VAL A 203 -0.40 -17.90 11.05
C VAL A 203 0.31 -17.94 12.40
N VAL A 204 1.53 -17.43 12.45
CA VAL A 204 2.24 -17.34 13.71
C VAL A 204 1.42 -16.45 14.67
N ALA A 205 0.90 -15.36 14.14
CA ALA A 205 0.09 -14.44 14.92
C ALA A 205 -1.16 -15.14 15.45
N PHE A 206 -1.79 -15.94 14.60
CA PHE A 206 -2.92 -16.75 15.02
C PHE A 206 -2.58 -17.67 16.20
N LEU A 207 -1.44 -18.35 16.13
CA LEU A 207 -1.10 -19.29 17.19
C LEU A 207 -0.80 -18.56 18.51
N TYR A 208 -0.11 -17.43 18.45
CA TYR A 208 0.03 -16.57 19.62
C TYR A 208 -1.33 -16.16 20.20
N ALA A 209 -2.27 -15.77 19.34
CA ALA A 209 -3.60 -15.39 19.80
C ALA A 209 -4.27 -16.58 20.50
N ALA A 210 -4.07 -17.76 19.93
CA ALA A 210 -4.56 -19.00 20.51
C ALA A 210 -4.02 -19.19 21.92
N LEU A 211 -2.72 -18.99 22.09
CA LEU A 211 -2.07 -19.14 23.39
C LEU A 211 -2.62 -18.15 24.42
N ILE A 212 -2.78 -16.90 24.01
CA ILE A 212 -3.29 -15.87 24.91
C ILE A 212 -4.73 -16.16 25.31
N ASN A 213 -5.49 -16.76 24.42
CA ASN A 213 -6.90 -17.03 24.67
C ASN A 213 -7.23 -18.37 25.27
N GLY A 214 -6.20 -19.06 25.77
CA GLY A 214 -6.43 -20.30 26.49
C GLY A 214 -6.04 -21.61 25.82
N GLU A 215 -5.82 -21.61 24.52
CA GLU A 215 -5.62 -22.87 23.80
C GLU A 215 -4.16 -23.21 23.59
N ARG A 216 -3.77 -24.38 24.10
CA ARG A 216 -2.36 -24.74 24.19
C ARG A 216 -2.06 -26.19 23.79
N TRP A 217 -3.08 -26.95 23.40
CA TRP A 217 -2.89 -28.37 23.18
C TRP A 217 -1.91 -28.71 22.07
N PHE A 218 -1.58 -27.74 21.23
CA PHE A 218 -0.79 -28.01 20.02
C PHE A 218 0.70 -27.84 20.24
N VAL A 219 1.13 -27.30 21.37
CA VAL A 219 2.56 -27.04 21.49
C VAL A 219 3.28 -28.24 22.11
N THR A 220 4.47 -28.54 21.59
CA THR A 220 5.30 -29.64 22.07
C THR A 220 6.65 -29.12 22.54
N ASN A 221 7.58 -30.05 22.73
CA ASN A 221 8.92 -29.68 23.20
C ASN A 221 9.91 -29.56 22.04
N THR A 222 9.40 -29.11 20.89
CA THR A 222 10.19 -28.98 19.68
C THR A 222 10.13 -27.54 19.15
N SER A 223 11.27 -27.02 18.71
CA SER A 223 11.30 -25.74 17.98
C SER A 223 12.23 -25.87 16.79
N MET A 224 11.92 -25.19 15.69
CA MET A 224 12.80 -25.25 14.52
C MET A 224 13.29 -23.86 14.13
N THR A 225 14.49 -23.80 13.58
CA THR A 225 15.09 -22.52 13.20
CA THR A 225 15.09 -22.53 13.20
C THR A 225 14.30 -21.84 12.08
N LEU A 226 14.42 -20.51 12.01
CA LEU A 226 13.76 -19.72 10.98
C LEU A 226 14.15 -20.20 9.57
N GLU A 227 15.46 -20.38 9.32
CA GLU A 227 15.91 -20.95 8.03
C GLU A 227 15.23 -22.26 7.70
N SER A 228 15.19 -23.18 8.66
CA SER A 228 14.59 -24.48 8.39
C SER A 228 13.11 -24.29 8.09
N TYR A 229 12.44 -23.39 8.80
CA TYR A 229 11.05 -23.12 8.46
C TYR A 229 10.92 -22.55 7.03
N ASN A 230 11.75 -21.58 6.69
CA ASN A 230 11.64 -20.96 5.37
C ASN A 230 11.91 -21.95 4.27
N ALA A 231 12.81 -22.91 4.51
CA ALA A 231 13.02 -24.01 3.57
C ALA A 231 11.74 -24.83 3.37
N TRP A 232 11.12 -25.24 4.48
CA TRP A 232 9.83 -25.91 4.43
C TRP A 232 8.76 -25.10 3.72
N ALA A 233 8.69 -23.81 4.05
CA ALA A 233 7.63 -22.95 3.55
C ALA A 233 7.66 -22.88 2.03
N LYS A 234 8.86 -22.68 1.49
CA LYS A 234 9.06 -22.51 0.04
C LYS A 234 8.57 -23.68 -0.77
N THR A 235 8.27 -24.81 -0.13
CA THR A 235 7.73 -25.95 -0.87
C THR A 235 6.38 -26.42 -0.35
N ASN A 236 5.80 -25.70 0.61
CA ASN A 236 4.47 -26.06 1.09
C ASN A 236 3.43 -24.95 0.95
N SER A 237 3.75 -23.93 0.15
CA SER A 237 2.85 -22.82 -0.12
C SER A 237 2.61 -21.95 1.13
N PHE A 238 3.70 -21.56 1.76
CA PHE A 238 3.66 -20.66 2.89
C PHE A 238 4.69 -19.64 2.57
N THR A 239 4.48 -18.41 3.03
CA THR A 239 5.49 -17.38 2.85
C THR A 239 6.69 -17.63 3.74
N GLU A 240 7.84 -17.13 3.32
CA GLU A 240 9.00 -17.09 4.19
C GLU A 240 8.80 -15.99 5.23
N ILE A 241 9.46 -16.13 6.37
CA ILE A 241 9.39 -15.10 7.40
C ILE A 241 10.72 -14.36 7.45
N VAL A 242 10.66 -13.04 7.31
CA VAL A 242 11.86 -12.23 7.22
C VAL A 242 12.53 -12.15 8.59
N SER A 243 11.77 -11.66 9.56
CA SER A 243 12.30 -11.48 10.90
C SER A 243 11.31 -11.87 11.99
N THR A 244 11.84 -12.47 13.04
CA THR A 244 11.07 -12.76 14.23
C THR A 244 10.71 -11.46 14.98
N ASP A 245 11.30 -10.35 14.56
CA ASP A 245 11.16 -9.09 15.29
C ASP A 245 9.71 -8.66 15.49
N ALA A 246 8.86 -8.97 14.51
CA ALA A 246 7.45 -8.62 14.55
C ALA A 246 6.69 -9.19 15.75
N PHE A 247 7.23 -10.24 16.39
CA PHE A 247 6.48 -11.01 17.38
C PHE A 247 6.99 -10.83 18.78
N ASN A 248 8.03 -10.02 18.93
CA ASN A 248 8.78 -9.91 20.18
C ASN A 248 7.83 -9.72 21.34
N MET A 249 6.92 -8.78 21.16
CA MET A 249 5.89 -8.48 22.14
C MET A 249 5.08 -9.72 22.48
N LEU A 250 4.70 -10.47 21.45
CA LEU A 250 3.89 -11.67 21.66
C LEU A 250 4.70 -12.78 22.35
N ALA A 251 5.98 -12.90 21.99
CA ALA A 251 6.85 -13.90 22.63
C ALA A 251 7.05 -13.56 24.10
N ALA A 252 7.27 -12.27 24.36
CA ALA A 252 7.48 -11.81 25.72
C ALA A 252 6.24 -12.08 26.59
N LYS A 253 5.08 -11.70 26.10
CA LYS A 253 3.86 -11.80 26.90
C LYS A 253 3.37 -13.24 27.10
N THR A 254 3.75 -14.15 26.22
CA THR A 254 3.27 -15.51 26.32
C THR A 254 4.36 -16.44 26.80
N GLY A 255 5.61 -16.02 26.70
CA GLY A 255 6.71 -16.92 27.03
C GLY A 255 6.99 -17.96 25.96
N TYR A 256 6.35 -17.86 24.79
CA TYR A 256 6.59 -18.82 23.71
C TYR A 256 7.38 -18.23 22.54
N SER A 257 8.46 -18.89 22.18
CA SER A 257 9.33 -18.40 21.12
C SER A 257 8.71 -18.62 19.76
N VAL A 258 9.11 -17.79 18.80
CA VAL A 258 8.61 -17.94 17.45
C VAL A 258 8.96 -19.33 16.92
N GLU A 259 10.17 -19.79 17.23
CA GLU A 259 10.66 -21.08 16.71
C GLU A 259 9.80 -22.28 17.14
N LYS A 260 9.18 -22.21 18.32
CA LYS A 260 8.23 -23.24 18.72
C LYS A 260 6.96 -23.20 17.88
N LEU A 261 6.48 -21.99 17.61
CA LEU A 261 5.24 -21.85 16.82
C LEU A 261 5.50 -22.26 15.37
N LEU A 262 6.72 -22.03 14.89
CA LEU A 262 7.09 -22.46 13.54
C LEU A 262 6.94 -23.97 13.42
N GLU A 263 7.43 -24.69 14.44
CA GLU A 263 7.31 -26.16 14.42
C GLU A 263 5.84 -26.56 14.49
N CYS A 264 5.07 -25.86 15.32
CA CYS A 264 3.62 -26.06 15.36
C CYS A 264 2.97 -25.95 13.98
N ILE A 265 3.35 -24.94 13.21
CA ILE A 265 2.76 -24.75 11.89
C ILE A 265 3.01 -25.95 11.00
N VAL A 266 4.26 -26.40 10.97
CA VAL A 266 4.64 -27.55 10.15
C VAL A 266 3.77 -28.75 10.51
N ARG A 267 3.59 -29.00 11.80
CA ARG A 267 2.73 -30.08 12.26
C ARG A 267 1.25 -29.83 11.95
N LEU A 268 0.74 -28.71 12.40
CA LEU A 268 -0.69 -28.45 12.32
C LEU A 268 -1.16 -28.34 10.86
N ASN A 269 -0.25 -28.05 9.95
CA ASN A 269 -0.62 -27.95 8.54
C ASN A 269 -1.08 -29.30 8.00
N LYS A 270 -0.79 -30.35 8.76
CA LYS A 270 -1.12 -31.70 8.36
C LYS A 270 -2.45 -32.15 8.97
N GLY A 271 -3.01 -31.32 9.84
CA GLY A 271 -4.34 -31.57 10.39
C GLY A 271 -4.44 -31.23 11.86
N PHE A 272 -5.64 -30.94 12.34
CA PHE A 272 -5.85 -30.65 13.76
C PHE A 272 -6.22 -31.89 14.56
N GLY A 273 -6.38 -33.03 13.86
CA GLY A 273 -6.77 -34.27 14.51
C GLY A 273 -8.10 -34.18 15.25
N GLY A 274 -9.10 -33.61 14.61
CA GLY A 274 -10.41 -33.46 15.22
C GLY A 274 -10.55 -32.22 16.07
N ARG A 275 -9.50 -31.86 16.81
CA ARG A 275 -9.54 -30.70 17.69
C ARG A 275 -9.70 -29.37 16.93
N THR A 276 -9.94 -28.31 17.69
CA THR A 276 -10.04 -26.98 17.12
C THR A 276 -9.12 -26.01 17.87
N ILE A 277 -8.69 -24.97 17.16
CA ILE A 277 -8.01 -23.85 17.77
C ILE A 277 -8.86 -22.59 17.59
N LEU A 278 -9.29 -21.98 18.70
CA LEU A 278 -10.19 -20.84 18.67
C LEU A 278 -11.35 -21.07 17.71
N SER A 279 -11.92 -22.28 17.79
CA SER A 279 -13.05 -22.75 16.98
C SER A 279 -12.71 -23.07 15.52
N TYR A 280 -11.57 -22.59 15.04
CA TYR A 280 -11.15 -22.93 13.68
C TYR A 280 -10.70 -24.38 13.65
N GLY A 281 -10.95 -25.07 12.54
CA GLY A 281 -10.56 -26.45 12.39
C GLY A 281 -9.33 -26.60 11.51
N SER A 282 -8.82 -25.47 11.03
CA SER A 282 -7.56 -25.47 10.30
C SER A 282 -6.83 -24.14 10.56
N LEU A 283 -5.57 -24.05 10.17
CA LEU A 283 -4.79 -22.84 10.37
C LEU A 283 -5.44 -21.69 9.62
N CYS A 284 -5.36 -20.50 10.20
CA CYS A 284 -5.99 -19.31 9.62
C CYS A 284 -4.94 -18.20 9.48
N ASP A 285 -4.77 -17.66 8.26
CA ASP A 285 -3.77 -16.60 8.06
C ASP A 285 -4.39 -15.21 7.87
N GLU A 286 -5.58 -14.99 8.45
CA GLU A 286 -6.30 -13.76 8.21
C GLU A 286 -6.01 -12.67 9.23
N PHE A 287 -5.21 -13.00 10.24
CA PHE A 287 -4.89 -12.06 11.31
C PHE A 287 -3.42 -11.72 11.28
N THR A 288 -3.11 -10.43 11.19
CA THR A 288 -1.73 -9.99 11.23
C THR A 288 -1.24 -9.92 12.68
N PRO A 289 0.08 -9.91 12.86
CA PRO A 289 0.66 -9.66 14.18
C PRO A 289 0.13 -8.37 14.79
N THR A 290 -0.04 -7.34 13.96
CA THR A 290 -0.53 -6.05 14.43
C THR A 290 -1.96 -6.17 14.94
N GLU A 291 -2.82 -6.77 14.13
CA GLU A 291 -4.21 -7.03 14.54
C GLU A 291 -4.29 -7.80 15.85
N VAL A 292 -3.41 -8.77 16.03
CA VAL A 292 -3.52 -9.60 17.22
C VAL A 292 -3.11 -8.78 18.43
N ILE A 293 -1.99 -8.07 18.31
CA ILE A 293 -1.52 -7.23 19.40
C ILE A 293 -2.53 -6.17 19.80
N ARG A 294 -3.07 -5.47 18.80
CA ARG A 294 -4.13 -4.48 19.01
C ARG A 294 -5.23 -5.06 19.86
N GLN A 295 -5.73 -6.20 19.41
CA GLN A 295 -6.92 -6.79 19.95
C GLN A 295 -6.66 -7.35 21.35
N MET A 296 -5.46 -7.85 21.59
CA MET A 296 -5.13 -8.49 22.86
C MET A 296 -4.69 -7.50 23.92
N TYR A 297 -4.09 -6.39 23.51
CA TYR A 297 -3.44 -5.50 24.47
C TYR A 297 -3.72 -4.00 24.32
N GLY A 298 -4.49 -3.61 23.31
CA GLY A 298 -4.81 -2.20 23.15
C GLY A 298 -3.92 -1.49 22.15
N VAL A 299 -4.53 -0.53 21.44
CA VAL A 299 -3.92 0.14 20.29
C VAL A 299 -2.54 0.73 20.58
N SER B 1 -14.72 -18.21 1.70
CA SER B 1 -15.45 -17.85 2.91
C SER B 1 -16.89 -18.38 2.86
N GLY B 2 -17.80 -17.53 2.38
CA GLY B 2 -19.20 -17.88 2.29
C GLY B 2 -20.04 -17.04 3.22
N LEU B 3 -19.93 -17.31 4.53
CA LEU B 3 -20.70 -16.58 5.53
C LEU B 3 -19.79 -15.96 6.60
N ARG B 4 -19.75 -14.63 6.60
CA ARG B 4 -18.89 -13.86 7.47
C ARG B 4 -19.71 -12.88 8.31
N LYS B 5 -19.31 -12.66 9.55
CA LYS B 5 -19.99 -11.73 10.44
C LYS B 5 -19.66 -10.27 10.05
N MET B 6 -20.68 -9.43 9.89
CA MET B 6 -20.42 -8.03 9.56
C MET B 6 -20.92 -7.08 10.63
N ALA B 7 -20.48 -5.82 10.55
CA ALA B 7 -21.02 -4.77 11.39
C ALA B 7 -21.63 -3.68 10.52
N GLN B 8 -22.47 -2.85 11.12
CA GLN B 8 -23.00 -1.69 10.43
C GLN B 8 -22.07 -0.52 10.72
N PRO B 9 -22.01 0.46 9.79
CA PRO B 9 -21.09 1.60 9.87
C PRO B 9 -21.18 2.34 11.21
N SER B 10 -20.03 2.66 11.80
CA SER B 10 -19.97 3.20 13.16
C SER B 10 -19.90 4.74 13.22
N GLY B 11 -19.97 5.41 12.07
CA GLY B 11 -19.74 6.84 12.02
C GLY B 11 -20.63 7.65 12.95
N VAL B 12 -21.90 7.25 13.03
CA VAL B 12 -22.85 8.04 13.78
C VAL B 12 -22.65 7.86 15.31
N VAL B 13 -22.00 6.77 15.70
CA VAL B 13 -21.75 6.51 17.12
C VAL B 13 -20.44 7.14 17.58
N GLU B 14 -19.40 7.10 16.73
CA GLU B 14 -18.05 7.52 17.14
C GLU B 14 -17.96 8.88 17.86
N PRO B 15 -18.64 9.93 17.35
CA PRO B 15 -18.53 11.23 18.02
C PRO B 15 -19.13 11.24 19.45
N CYS B 16 -19.85 10.20 19.82
CA CYS B 16 -20.45 10.13 21.17
C CYS B 16 -19.54 9.49 22.22
N ILE B 17 -18.42 8.94 21.80
CA ILE B 17 -17.54 8.24 22.73
C ILE B 17 -16.67 9.22 23.51
N VAL B 18 -16.65 9.10 24.83
CA VAL B 18 -15.71 9.90 25.61
C VAL B 18 -14.89 9.04 26.56
N ARG B 19 -13.76 9.58 26.97
CA ARG B 19 -12.92 8.99 27.97
C ARG B 19 -13.43 9.42 29.33
N VAL B 20 -13.70 8.47 30.22
CA VAL B 20 -14.15 8.81 31.57
C VAL B 20 -13.19 8.19 32.59
N ALA B 21 -12.58 9.04 33.40
CA ALA B 21 -11.67 8.56 34.44
C ALA B 21 -12.07 9.05 35.82
N TYR B 22 -11.88 8.21 36.82
CA TYR B 22 -12.11 8.58 38.20
C TYR B 22 -11.22 7.68 39.07
N GLY B 23 -10.42 8.28 39.94
CA GLY B 23 -9.47 7.51 40.72
C GLY B 23 -8.49 6.81 39.79
N ASN B 24 -8.32 5.50 39.98
CA ASN B 24 -7.43 4.70 39.15
C ASN B 24 -8.16 4.02 37.99
N ASN B 25 -9.39 4.45 37.75
CA ASN B 25 -10.21 3.76 36.76
C ASN B 25 -10.35 4.61 35.50
N VAL B 26 -10.19 3.96 34.35
CA VAL B 26 -10.40 4.64 33.07
C VAL B 26 -11.22 3.74 32.16
N LEU B 27 -12.36 4.26 31.70
CA LEU B 27 -13.13 3.54 30.71
C LEU B 27 -13.84 4.50 29.75
N ASN B 28 -14.81 3.98 29.01
CA ASN B 28 -15.51 4.74 28.01
C ASN B 28 -16.88 5.23 28.48
N GLY B 29 -17.30 6.39 27.99
CA GLY B 29 -18.64 6.88 28.30
C GLY B 29 -19.38 7.19 27.02
N LEU B 30 -20.71 7.25 27.11
CA LEU B 30 -21.56 7.63 25.99
C LEU B 30 -22.10 9.04 26.23
N TRP B 31 -21.69 9.99 25.40
CA TRP B 31 -22.02 11.39 25.58
C TRP B 31 -23.17 11.80 24.66
N LEU B 32 -24.34 12.00 25.25
CA LEU B 32 -25.54 12.35 24.51
C LEU B 32 -26.14 13.59 25.15
N GLY B 33 -26.30 14.67 24.37
CA GLY B 33 -26.78 15.91 24.96
C GLY B 33 -25.83 16.35 26.06
N ASP B 34 -26.38 16.76 27.20
CA ASP B 34 -25.54 17.26 28.29
C ASP B 34 -25.30 16.18 29.34
N GLU B 35 -25.38 14.92 28.93
CA GLU B 35 -25.14 13.82 29.85
C GLU B 35 -24.16 12.78 29.30
N VAL B 36 -23.46 12.15 30.22
CA VAL B 36 -22.57 11.04 29.91
C VAL B 36 -22.99 9.79 30.67
N ILE B 37 -23.22 8.69 29.95
CA ILE B 37 -23.55 7.43 30.57
C ILE B 37 -22.32 6.50 30.57
N CYS B 38 -22.00 5.90 31.70
CA CYS B 38 -20.90 4.94 31.74
C CYS B 38 -21.13 3.93 32.87
N PRO B 39 -20.43 2.77 32.82
CA PRO B 39 -20.59 1.81 33.92
C PRO B 39 -20.27 2.43 35.26
N ARG B 40 -21.17 2.27 36.22
CA ARG B 40 -20.92 2.89 37.53
C ARG B 40 -19.67 2.40 38.22
N HIS B 41 -19.11 1.26 37.80
CA HIS B 41 -17.92 0.79 38.53
C HIS B 41 -16.68 1.66 38.23
N VAL B 42 -16.82 2.70 37.41
CA VAL B 42 -15.72 3.65 37.23
C VAL B 42 -15.37 4.36 38.54
N ILE B 43 -16.35 4.52 39.44
CA ILE B 43 -16.06 5.16 40.72
C ILE B 43 -15.79 4.18 41.84
N ALA B 44 -15.65 2.90 41.50
CA ALA B 44 -15.28 1.88 42.52
C ALA B 44 -13.81 2.01 42.88
N SER B 45 -13.52 2.25 44.15
CA SER B 45 -12.13 2.42 44.60
C SER B 45 -11.31 1.15 44.43
N ASP B 46 -11.94 -0.02 44.62
CA ASP B 46 -11.26 -1.29 44.38
C ASP B 46 -12.12 -2.29 43.60
N THR B 47 -11.82 -2.46 42.32
CA THR B 47 -12.63 -3.32 41.46
C THR B 47 -12.25 -4.80 41.57
N SER B 48 -11.37 -5.12 42.51
CA SER B 48 -10.92 -6.50 42.67
C SER B 48 -11.68 -7.21 43.78
N ARG B 49 -12.33 -6.44 44.64
CA ARG B 49 -13.14 -7.01 45.71
C ARG B 49 -14.55 -6.42 45.68
N VAL B 50 -15.46 -7.03 46.44
CA VAL B 50 -16.86 -6.62 46.49
C VAL B 50 -17.00 -5.11 46.67
N ILE B 51 -18.01 -4.54 46.02
CA ILE B 51 -18.17 -3.09 45.95
C ILE B 51 -19.49 -2.64 46.56
N ASN B 52 -19.42 -1.67 47.46
CA ASN B 52 -20.62 -1.09 48.03
C ASN B 52 -20.94 0.15 47.26
N TYR B 53 -21.83 0.01 46.28
CA TYR B 53 -22.09 1.11 45.37
C TYR B 53 -22.77 2.29 46.07
N GLU B 54 -23.56 2.01 47.10
CA GLU B 54 -24.16 3.08 47.89
C GLU B 54 -23.09 3.96 48.50
N ASN B 55 -22.10 3.34 49.14
CA ASN B 55 -21.02 4.10 49.76
C ASN B 55 -20.20 4.81 48.72
N GLU B 56 -19.99 4.14 47.58
CA GLU B 56 -19.10 4.70 46.58
C GLU B 56 -19.69 5.98 46.01
N LEU B 57 -21.01 5.98 45.77
CA LEU B 57 -21.71 7.15 45.24
C LEU B 57 -21.79 8.24 46.31
N SER B 58 -21.96 7.80 47.54
CA SER B 58 -22.06 8.69 48.68
C SER B 58 -20.79 9.52 48.83
N SER B 59 -19.65 8.92 48.56
CA SER B 59 -18.38 9.61 48.72
C SER B 59 -17.79 10.10 47.40
N VAL B 60 -18.62 10.22 46.38
CA VAL B 60 -18.10 10.67 45.09
C VAL B 60 -17.76 12.15 45.16
N ARG B 61 -16.64 12.54 44.54
CA ARG B 61 -16.31 13.94 44.41
C ARG B 61 -16.35 14.34 42.95
N LEU B 62 -17.29 15.22 42.62
CA LEU B 62 -17.57 15.53 41.22
C LEU B 62 -16.38 16.10 40.44
N HIS B 63 -15.50 16.82 41.14
CA HIS B 63 -14.30 17.39 40.51
C HIS B 63 -13.19 16.35 40.31
N ASN B 64 -13.40 15.13 40.81
CA ASN B 64 -12.39 14.08 40.61
C ASN B 64 -12.61 13.29 39.32
N PHE B 65 -13.70 13.60 38.61
CA PHE B 65 -13.91 13.05 37.27
C PHE B 65 -13.05 13.75 36.26
N SER B 66 -12.46 12.97 35.35
CA SER B 66 -11.91 13.54 34.14
C SER B 66 -12.67 13.00 32.93
N ILE B 67 -13.38 13.87 32.23
CA ILE B 67 -14.12 13.44 31.05
C ILE B 67 -13.64 14.21 29.83
N ALA B 68 -13.32 13.48 28.76
CA ALA B 68 -12.72 14.12 27.59
C ALA B 68 -13.15 13.47 26.28
N LYS B 69 -13.48 14.33 25.32
CA LYS B 69 -13.76 13.96 23.93
C LYS B 69 -12.70 14.59 23.07
N ASN B 70 -11.70 13.80 22.66
CA ASN B 70 -10.50 14.32 22.03
C ASN B 70 -10.16 15.69 22.58
N ASN B 71 -10.38 16.69 21.73
CA ASN B 71 -10.07 18.10 21.99
C ASN B 71 -10.71 18.71 23.26
N ALA B 72 -11.77 18.09 23.77
CA ALA B 72 -12.62 18.78 24.73
C ALA B 72 -12.67 18.09 26.09
N PHE B 73 -12.49 18.87 27.15
CA PHE B 73 -12.73 18.37 28.51
C PHE B 73 -14.11 18.78 28.99
N LEU B 74 -14.81 17.88 29.67
CA LEU B 74 -16.15 18.20 30.17
C LEU B 74 -16.16 18.21 31.69
N GLY B 75 -16.89 19.14 32.28
CA GLY B 75 -17.02 19.23 33.72
C GLY B 75 -18.31 18.58 34.20
N VAL B 76 -18.23 17.85 35.30
CA VAL B 76 -19.37 17.11 35.83
C VAL B 76 -20.16 17.91 36.85
N VAL B 77 -21.45 18.07 36.58
CA VAL B 77 -22.34 18.88 37.42
C VAL B 77 -23.07 18.02 38.45
N SER B 78 -23.46 16.81 38.07
CA SER B 78 -24.04 15.87 39.02
C SER B 78 -23.81 14.41 38.63
N ALA B 79 -23.94 13.53 39.62
CA ALA B 79 -23.78 12.09 39.41
C ALA B 79 -24.97 11.37 40.04
N LYS B 80 -25.48 10.36 39.33
CA LYS B 80 -26.52 9.48 39.86
C LYS B 80 -26.41 8.10 39.23
N TYR B 81 -27.04 7.11 39.87
CA TYR B 81 -27.10 5.77 39.28
C TYR B 81 -28.36 5.60 38.48
N LYS B 82 -28.27 4.90 37.36
CA LYS B 82 -29.44 4.31 36.72
C LYS B 82 -29.13 2.84 36.49
N GLY B 83 -29.65 1.95 37.34
CA GLY B 83 -29.26 0.56 37.29
C GLY B 83 -27.76 0.47 37.55
N VAL B 84 -27.04 -0.24 36.68
CA VAL B 84 -25.59 -0.39 36.86
C VAL B 84 -24.76 0.65 36.09
N ASN B 85 -25.42 1.68 35.58
CA ASN B 85 -24.70 2.79 34.96
C ASN B 85 -24.79 4.07 35.76
N LEU B 86 -23.70 4.83 35.68
CA LEU B 86 -23.66 6.20 36.16
C LEU B 86 -24.26 7.09 35.08
N VAL B 87 -25.10 8.05 35.48
CA VAL B 87 -25.55 9.08 34.55
C VAL B 87 -25.00 10.38 35.06
N LEU B 88 -24.12 10.97 34.25
CA LEU B 88 -23.38 12.16 34.66
C LEU B 88 -23.87 13.38 33.86
N LYS B 89 -24.43 14.34 34.58
CA LYS B 89 -24.77 15.63 33.99
C LYS B 89 -23.45 16.37 33.76
N VAL B 90 -23.20 16.81 32.54
CA VAL B 90 -21.96 17.54 32.24
C VAL B 90 -22.24 18.97 31.76
N ASN B 91 -21.21 19.82 31.78
CA ASN B 91 -21.42 21.24 31.50
C ASN B 91 -21.62 21.56 30.02
N GLN B 92 -21.38 20.60 29.14
CA GLN B 92 -21.47 20.87 27.72
C GLN B 92 -22.39 19.88 26.98
N VAL B 93 -23.19 20.41 26.06
CA VAL B 93 -24.02 19.60 25.18
C VAL B 93 -23.19 19.04 24.03
N ASN B 94 -23.32 17.74 23.73
CA ASN B 94 -22.58 17.14 22.62
C ASN B 94 -23.15 17.67 21.33
N PRO B 95 -22.35 18.46 20.59
CA PRO B 95 -22.82 19.07 19.35
C PRO B 95 -23.11 18.02 18.29
N ASN B 96 -22.53 16.84 18.46
CA ASN B 96 -22.69 15.80 17.47
C ASN B 96 -23.64 14.71 17.92
N THR B 97 -24.51 15.05 18.86
CA THR B 97 -25.51 14.11 19.31
C THR B 97 -26.37 13.69 18.13
N PRO B 98 -26.42 12.40 17.82
CA PRO B 98 -27.21 11.97 16.67
C PRO B 98 -28.64 11.68 17.04
N GLU B 99 -29.50 11.62 16.03
CA GLU B 99 -30.83 11.08 16.20
C GLU B 99 -30.73 9.65 16.71
N HIS B 100 -31.32 9.37 17.86
CA HIS B 100 -31.20 8.03 18.44
C HIS B 100 -32.38 7.63 19.30
N LYS B 101 -32.50 6.32 19.45
CA LYS B 101 -33.50 5.67 20.28
C LYS B 101 -32.77 4.65 21.16
N PHE B 102 -33.50 4.01 22.08
CA PHE B 102 -32.97 2.95 22.93
C PHE B 102 -33.88 1.77 22.86
N LYS B 103 -33.31 0.58 22.79
CA LYS B 103 -34.08 -0.63 23.00
C LYS B 103 -33.16 -1.70 23.55
N SER B 104 -33.74 -2.78 24.06
CA SER B 104 -32.97 -3.95 24.48
C SER B 104 -32.99 -5.00 23.39
N VAL B 105 -31.83 -5.61 23.10
CA VAL B 105 -31.83 -6.74 22.16
C VAL B 105 -32.27 -8.02 22.88
N ARG B 106 -32.90 -8.92 22.14
CA ARG B 106 -33.39 -10.18 22.69
C ARG B 106 -32.48 -11.32 22.27
N PRO B 107 -32.60 -12.49 22.95
CA PRO B 107 -31.79 -13.64 22.54
C PRO B 107 -31.90 -13.93 21.04
N GLY B 108 -30.80 -14.27 20.40
CA GLY B 108 -30.82 -14.54 18.97
C GLY B 108 -30.66 -13.33 18.07
N GLU B 109 -30.78 -12.12 18.62
CA GLU B 109 -30.67 -10.90 17.81
C GLU B 109 -29.23 -10.42 17.68
N SER B 110 -28.88 -9.96 16.48
CA SER B 110 -27.53 -9.49 16.22
C SER B 110 -27.41 -7.99 16.44
N PHE B 111 -26.24 -7.54 16.90
CA PHE B 111 -25.98 -6.11 16.96
C PHE B 111 -24.49 -5.84 16.79
N ASN B 112 -24.14 -4.56 16.82
CA ASN B 112 -22.78 -4.12 16.55
C ASN B 112 -22.11 -3.63 17.79
N ILE B 113 -20.84 -3.98 17.95
CA ILE B 113 -20.01 -3.45 19.02
C ILE B 113 -19.01 -2.43 18.46
N LEU B 114 -19.02 -1.23 19.04
CA LEU B 114 -17.92 -0.29 18.82
C LEU B 114 -17.00 -0.45 20.01
N ALA B 115 -15.93 -1.22 19.84
CA ALA B 115 -14.97 -1.43 20.91
C ALA B 115 -14.11 -0.18 21.01
N CYS B 116 -14.10 0.39 22.21
CA CYS B 116 -13.39 1.61 22.48
C CYS B 116 -12.36 1.34 23.57
N TYR B 117 -11.22 2.01 23.48
CA TYR B 117 -10.11 1.74 24.37
C TYR B 117 -9.74 3.05 25.02
N GLU B 118 -10.08 3.17 26.31
CA GLU B 118 -9.87 4.40 27.09
C GLU B 118 -10.23 5.69 26.36
N GLY B 119 -11.41 5.70 25.74
CA GLY B 119 -11.97 6.89 25.12
C GLY B 119 -11.84 6.94 23.61
N CYS B 120 -11.04 6.03 23.06
N CYS B 120 -11.06 6.01 23.05
CA CYS B 120 -10.74 6.02 21.63
CA CYS B 120 -10.76 6.03 21.63
C CYS B 120 -11.39 4.83 20.93
C CYS B 120 -11.37 4.83 20.92
N PRO B 121 -12.33 5.09 20.02
CA PRO B 121 -12.92 4.00 19.22
C PRO B 121 -11.82 3.26 18.46
N GLY B 122 -11.77 1.94 18.61
CA GLY B 122 -10.71 1.17 17.99
C GLY B 122 -11.21 0.19 16.96
N SER B 123 -12.35 -0.44 17.19
CA SER B 123 -12.84 -1.40 16.21
C SER B 123 -14.34 -1.59 16.25
N VAL B 124 -14.85 -2.21 15.18
CA VAL B 124 -16.27 -2.49 14.99
C VAL B 124 -16.46 -3.92 14.53
N TYR B 125 -17.37 -4.64 15.18
CA TYR B 125 -17.69 -6.00 14.79
C TYR B 125 -19.07 -6.40 15.28
N GLY B 126 -19.64 -7.43 14.67
CA GLY B 126 -20.97 -7.86 15.00
C GLY B 126 -20.96 -8.99 16.03
N VAL B 127 -21.98 -9.01 16.87
CA VAL B 127 -22.15 -10.06 17.85
C VAL B 127 -23.63 -10.51 17.82
N ASN B 128 -23.95 -11.49 18.65
CA ASN B 128 -25.31 -12.01 18.78
C ASN B 128 -25.62 -12.31 20.25
N MET B 129 -26.73 -11.78 20.74
CA MET B 129 -27.18 -11.99 22.13
C MET B 129 -27.58 -13.44 22.35
N ARG B 130 -26.93 -14.09 23.31
CA ARG B 130 -27.28 -15.47 23.67
C ARG B 130 -28.43 -15.47 24.69
N SER B 131 -29.06 -16.63 24.87
CA SER B 131 -30.23 -16.74 25.76
C SER B 131 -29.91 -16.37 27.22
N GLN B 132 -28.70 -16.61 27.66
CA GLN B 132 -28.35 -16.29 29.05
C GLN B 132 -27.89 -14.84 29.22
N GLY B 133 -28.08 -14.02 28.20
CA GLY B 133 -27.77 -12.61 28.30
C GLY B 133 -26.31 -12.23 28.08
N THR B 134 -25.53 -13.15 27.53
CA THR B 134 -24.11 -12.89 27.27
C THR B 134 -23.85 -12.76 25.78
N ILE B 135 -22.71 -12.17 25.44
CA ILE B 135 -22.21 -12.21 24.08
C ILE B 135 -20.78 -12.75 24.07
N LYS B 136 -20.34 -13.21 22.91
CA LYS B 136 -18.97 -13.64 22.70
C LYS B 136 -18.22 -12.60 21.87
N GLY B 137 -17.62 -11.63 22.53
CA GLY B 137 -16.89 -10.61 21.83
C GLY B 137 -15.40 -10.73 22.02
N SER B 138 -14.75 -9.58 22.08
CA SER B 138 -13.34 -9.53 22.38
C SER B 138 -13.14 -8.24 23.11
N PHE B 139 -13.21 -8.32 24.42
CA PHE B 139 -13.05 -7.16 25.28
C PHE B 139 -11.87 -7.41 26.20
N ILE B 140 -11.06 -6.38 26.36
CA ILE B 140 -9.93 -6.43 27.26
C ILE B 140 -10.01 -5.26 28.25
N ALA B 141 -9.06 -5.18 29.17
CA ALA B 141 -8.97 -4.02 30.06
C ALA B 141 -8.99 -2.73 29.24
N GLY B 142 -9.76 -1.74 29.68
CA GLY B 142 -9.83 -0.46 29.01
C GLY B 142 -11.04 -0.32 28.11
N THR B 143 -11.77 -1.41 27.89
CA THR B 143 -12.90 -1.43 26.95
C THR B 143 -14.27 -1.36 27.60
N CYS B 144 -14.33 -1.26 28.92
CA CYS B 144 -15.62 -1.06 29.56
C CYS B 144 -16.24 0.23 29.09
N GLY B 145 -17.57 0.23 29.01
CA GLY B 145 -18.28 1.36 28.48
C GLY B 145 -18.39 1.29 26.97
N SER B 146 -17.72 0.32 26.34
CA SER B 146 -17.85 0.17 24.88
C SER B 146 -19.32 -0.02 24.55
N VAL B 147 -19.73 0.50 23.40
CA VAL B 147 -21.14 0.64 23.10
C VAL B 147 -21.62 -0.33 22.02
N GLY B 148 -22.79 -0.91 22.26
CA GLY B 148 -23.45 -1.74 21.26
C GLY B 148 -24.61 -0.96 20.65
N TYR B 149 -24.84 -1.15 19.35
CA TYR B 149 -25.88 -0.38 18.64
C TYR B 149 -26.44 -1.19 17.48
N VAL B 150 -27.63 -0.82 17.00
CA VAL B 150 -28.13 -1.32 15.72
C VAL B 150 -28.62 -0.15 14.91
N LEU B 151 -28.42 -0.23 13.59
CA LEU B 151 -29.01 0.74 12.68
C LEU B 151 -30.19 0.03 12.04
N GLU B 152 -31.37 0.60 12.22
CA GLU B 152 -32.58 -0.16 12.02
C GLU B 152 -33.61 0.58 11.17
N ASN B 153 -34.33 1.50 11.81
CA ASN B 153 -35.51 2.11 11.20
C ASN B 153 -35.53 3.61 10.93
N GLY B 154 -34.60 4.14 10.13
CA GLY B 154 -33.34 3.52 9.76
C GLY B 154 -32.39 4.13 10.77
N THR B 155 -32.99 4.56 11.87
CA THR B 155 -32.34 5.32 12.92
C THR B 155 -31.35 4.50 13.70
N LEU B 156 -30.76 5.15 14.69
CA LEU B 156 -29.73 4.57 15.54
C LEU B 156 -30.33 4.11 16.87
N TYR B 157 -30.13 2.86 17.22
CA TYR B 157 -30.51 2.39 18.55
C TYR B 157 -29.28 2.05 19.36
N PHE B 158 -29.18 2.59 20.56
CA PHE B 158 -28.20 2.12 21.50
C PHE B 158 -28.79 0.95 22.32
N VAL B 159 -28.12 -0.20 22.32
CA VAL B 159 -28.66 -1.41 22.93
C VAL B 159 -27.77 -2.05 24.02
N TYR B 160 -26.50 -1.67 24.09
CA TYR B 160 -25.52 -2.36 24.95
C TYR B 160 -24.39 -1.45 25.41
N MET B 161 -23.98 -1.63 26.65
CA MET B 161 -22.79 -0.98 27.20
C MET B 161 -22.00 -2.01 28.01
N HIS B 162 -20.71 -2.10 27.73
CA HIS B 162 -19.93 -3.22 28.24
C HIS B 162 -19.50 -3.07 29.71
N HIS B 163 -19.68 -4.13 30.50
CA HIS B 163 -19.28 -4.09 31.92
C HIS B 163 -18.20 -5.10 32.36
N LEU B 164 -18.30 -6.36 31.92
CA LEU B 164 -17.44 -7.38 32.53
C LEU B 164 -17.32 -8.67 31.73
N GLU B 165 -16.39 -9.51 32.16
CA GLU B 165 -16.19 -10.83 31.55
C GLU B 165 -16.35 -11.92 32.63
N LEU B 166 -17.19 -12.90 32.33
CA LEU B 166 -17.41 -14.03 33.24
C LEU B 166 -16.19 -14.96 33.28
N GLY B 167 -16.14 -15.83 34.28
CA GLY B 167 -15.05 -16.77 34.41
C GLY B 167 -14.89 -17.66 33.19
N ASN B 168 -15.99 -17.98 32.53
CA ASN B 168 -15.96 -18.78 31.30
C ASN B 168 -15.68 -17.99 30.03
N GLY B 169 -15.26 -16.73 30.18
CA GLY B 169 -14.94 -15.91 29.01
C GLY B 169 -16.09 -15.19 28.30
N SER B 170 -17.33 -15.48 28.66
CA SER B 170 -18.49 -14.78 28.10
C SER B 170 -18.52 -13.32 28.55
N HIS B 171 -19.08 -12.46 27.69
CA HIS B 171 -19.09 -11.03 27.96
C HIS B 171 -20.46 -10.51 28.33
N VAL B 172 -20.46 -9.59 29.30
CA VAL B 172 -21.66 -9.15 29.97
C VAL B 172 -21.73 -7.63 29.95
N GLY B 173 -22.90 -7.10 29.61
CA GLY B 173 -23.10 -5.66 29.65
C GLY B 173 -24.55 -5.32 29.97
N SER B 174 -24.87 -4.04 29.92
CA SER B 174 -26.23 -3.62 30.21
C SER B 174 -26.88 -3.00 29.00
N ASN B 175 -28.19 -2.81 29.07
CA ASN B 175 -28.82 -1.94 28.10
C ASN B 175 -28.60 -0.51 28.59
N LEU B 176 -29.06 0.48 27.83
CA LEU B 176 -28.77 1.86 28.21
C LEU B 176 -29.74 2.35 29.29
N GLU B 177 -30.67 1.49 29.69
CA GLU B 177 -31.49 1.64 30.89
C GLU B 177 -30.79 1.17 32.18
N GLY B 178 -29.57 0.64 32.08
CA GLY B 178 -28.86 0.20 33.27
C GLY B 178 -29.27 -1.18 33.79
N GLU B 179 -29.97 -1.94 32.96
CA GLU B 179 -30.33 -3.29 33.32
C GLU B 179 -29.29 -4.22 32.71
N MET B 180 -28.55 -4.93 33.53
CA MET B 180 -27.56 -5.86 33.01
C MET B 180 -28.27 -6.96 32.25
N TYR B 181 -27.84 -7.26 31.03
CA TYR B 181 -28.39 -8.41 30.32
C TYR B 181 -28.10 -9.67 31.13
N GLY B 182 -29.10 -10.53 31.26
CA GLY B 182 -28.96 -11.80 31.96
C GLY B 182 -29.00 -11.69 33.48
N GLY B 183 -29.08 -10.47 33.99
CA GLY B 183 -29.18 -10.25 35.42
C GLY B 183 -27.88 -10.31 36.22
N TYR B 184 -26.74 -10.48 35.55
CA TYR B 184 -25.44 -10.53 36.24
C TYR B 184 -25.22 -9.24 37.03
N GLU B 185 -24.46 -9.32 38.12
CA GLU B 185 -24.20 -8.12 38.90
C GLU B 185 -22.83 -7.58 38.55
N ASP B 186 -22.67 -6.26 38.71
CA ASP B 186 -21.43 -5.60 38.35
C ASP B 186 -20.48 -5.64 39.54
N GLN B 187 -20.05 -6.87 39.84
CA GLN B 187 -19.19 -7.19 40.99
C GLN B 187 -18.11 -8.17 40.56
N PRO B 188 -16.91 -8.09 41.16
CA PRO B 188 -15.86 -9.02 40.74
C PRO B 188 -16.02 -10.39 41.40
N SER B 189 -17.23 -10.92 41.36
CA SER B 189 -17.55 -12.16 42.04
C SER B 189 -17.78 -13.27 41.04
N MET B 190 -17.67 -14.51 41.49
CA MET B 190 -17.92 -15.66 40.63
C MET B 190 -19.38 -15.68 40.18
N GLN B 191 -19.63 -15.81 38.89
CA GLN B 191 -21.01 -15.87 38.40
C GLN B 191 -21.18 -16.88 37.28
N LEU B 192 -22.11 -17.82 37.46
CA LEU B 192 -22.32 -18.89 36.48
C LEU B 192 -23.26 -18.45 35.37
N GLU B 193 -22.92 -18.77 34.12
CA GLU B 193 -23.72 -18.34 32.98
C GLU B 193 -24.98 -19.18 32.82
N GLY B 194 -24.83 -20.50 32.89
CA GLY B 194 -25.96 -21.37 32.72
C GLY B 194 -26.09 -21.84 31.28
N THR B 195 -27.01 -22.74 31.04
CA THR B 195 -27.02 -23.45 29.78
C THR B 195 -27.53 -22.56 28.64
N ASN B 196 -26.78 -22.59 27.56
CA ASN B 196 -27.08 -21.81 26.37
C ASN B 196 -28.21 -22.45 25.56
N VAL B 197 -29.28 -21.69 25.31
CA VAL B 197 -30.34 -22.15 24.42
C VAL B 197 -30.19 -21.60 22.98
N MET B 198 -29.95 -22.50 22.03
CA MET B 198 -29.66 -22.12 20.65
C MET B 198 -30.88 -21.51 19.99
N SER B 199 -30.64 -20.47 19.19
CA SER B 199 -31.70 -19.85 18.42
C SER B 199 -32.02 -20.70 17.20
N SER B 200 -33.19 -21.32 17.20
CA SER B 200 -33.59 -22.17 16.08
C SER B 200 -33.72 -21.36 14.78
N ASP B 201 -34.28 -20.16 14.87
CA ASP B 201 -34.38 -19.29 13.70
C ASP B 201 -33.02 -19.08 13.06
N ASN B 202 -31.99 -18.88 13.89
CA ASN B 202 -30.67 -18.54 13.39
C ASN B 202 -30.00 -19.77 12.78
N VAL B 203 -30.27 -20.92 13.36
CA VAL B 203 -29.69 -22.17 12.88
C VAL B 203 -30.32 -22.58 11.54
N VAL B 204 -31.64 -22.41 11.41
CA VAL B 204 -32.28 -22.55 10.10
C VAL B 204 -31.62 -21.60 9.05
N ALA B 205 -31.43 -20.34 9.43
CA ALA B 205 -30.75 -19.37 8.55
C ALA B 205 -29.36 -19.86 8.17
N PHE B 206 -28.66 -20.40 9.17
CA PHE B 206 -27.32 -20.94 8.97
C PHE B 206 -27.34 -22.02 7.89
N LEU B 207 -28.29 -22.95 7.99
CA LEU B 207 -28.38 -24.05 7.04
C LEU B 207 -28.79 -23.57 5.65
N TYR B 208 -29.66 -22.56 5.54
CA TYR B 208 -29.95 -21.95 4.24
C TYR B 208 -28.70 -21.34 3.62
N ALA B 209 -27.90 -20.64 4.42
CA ALA B 209 -26.65 -20.08 3.91
C ALA B 209 -25.75 -21.19 3.37
N ALA B 210 -25.73 -22.32 4.07
CA ALA B 210 -24.92 -23.44 3.64
C ALA B 210 -25.42 -24.00 2.30
N LEU B 211 -26.73 -24.12 2.17
CA LEU B 211 -27.33 -24.62 0.93
C LEU B 211 -27.04 -23.65 -0.22
N ILE B 212 -27.29 -22.37 0.02
CA ILE B 212 -26.98 -21.32 -0.95
C ILE B 212 -25.53 -21.47 -1.38
N ASN B 213 -24.68 -21.82 -0.43
CA ASN B 213 -23.25 -21.98 -0.67
C ASN B 213 -22.91 -23.31 -1.33
N GLY B 214 -23.92 -24.06 -1.73
CA GLY B 214 -23.70 -25.32 -2.42
C GLY B 214 -23.41 -26.53 -1.55
N GLU B 215 -23.54 -26.41 -0.23
CA GLU B 215 -23.32 -27.58 0.62
C GLU B 215 -24.62 -28.32 0.86
N ARG B 216 -24.67 -29.57 0.39
CA ARG B 216 -25.90 -30.34 0.35
C ARG B 216 -25.84 -31.62 1.16
N TRP B 217 -24.67 -31.97 1.68
CA TRP B 217 -24.48 -33.33 2.24
C TRP B 217 -25.42 -33.70 3.38
N PHE B 218 -25.96 -32.70 4.08
CA PHE B 218 -26.76 -32.96 5.28
C PHE B 218 -28.26 -33.09 4.99
N VAL B 219 -28.71 -32.64 3.82
CA VAL B 219 -30.16 -32.64 3.55
C VAL B 219 -30.66 -33.97 3.03
N THR B 220 -31.92 -34.27 3.39
CA THR B 220 -32.69 -35.33 2.78
C THR B 220 -33.98 -34.67 2.30
N ASN B 221 -34.85 -35.41 1.63
CA ASN B 221 -36.14 -34.86 1.25
C ASN B 221 -37.14 -35.05 2.38
N THR B 222 -36.70 -35.75 3.43
CA THR B 222 -37.49 -35.95 4.63
C THR B 222 -37.65 -34.66 5.42
N SER B 223 -38.85 -34.42 5.93
CA SER B 223 -39.11 -33.21 6.67
C SER B 223 -39.68 -33.50 8.05
N MET B 224 -39.95 -32.43 8.78
CA MET B 224 -40.40 -32.51 10.15
C MET B 224 -41.35 -31.34 10.38
N THR B 225 -42.51 -31.62 10.97
CA THR B 225 -43.49 -30.57 11.12
C THR B 225 -42.98 -29.51 12.08
N LEU B 226 -43.39 -28.26 11.86
CA LEU B 226 -43.08 -27.18 12.78
C LEU B 226 -43.44 -27.55 14.23
N GLU B 227 -44.59 -28.19 14.41
CA GLU B 227 -45.04 -28.59 15.75
C GLU B 227 -44.16 -29.71 16.30
N SER B 228 -43.79 -30.64 15.43
CA SER B 228 -42.89 -31.70 15.83
C SER B 228 -41.54 -31.16 16.27
N TYR B 229 -40.98 -30.24 15.48
CA TYR B 229 -39.68 -29.66 15.83
C TYR B 229 -39.71 -28.96 17.18
N ASN B 230 -40.76 -28.16 17.41
CA ASN B 230 -40.86 -27.38 18.63
C ASN B 230 -40.97 -28.28 19.85
N ALA B 231 -41.69 -29.38 19.71
CA ALA B 231 -41.74 -30.44 20.73
C ALA B 231 -40.32 -30.89 21.10
N TRP B 232 -39.51 -31.16 20.08
CA TRP B 232 -38.12 -31.54 20.30
C TRP B 232 -37.27 -30.42 20.91
N ALA B 233 -37.38 -29.23 20.32
CA ALA B 233 -36.57 -28.09 20.75
C ALA B 233 -36.72 -27.86 22.26
N LYS B 234 -37.97 -27.90 22.72
CA LYS B 234 -38.32 -27.67 24.11
C LYS B 234 -37.48 -28.48 25.12
N THR B 235 -37.01 -29.66 24.72
CA THR B 235 -36.23 -30.50 25.64
C THR B 235 -34.82 -30.72 25.15
N ASN B 236 -34.37 -29.85 24.24
CA ASN B 236 -33.03 -30.00 23.71
C ASN B 236 -32.25 -28.69 23.65
N SER B 237 -32.72 -27.71 24.43
CA SER B 237 -32.03 -26.43 24.56
C SER B 237 -31.91 -25.72 23.20
N PHE B 238 -33.04 -25.66 22.49
CA PHE B 238 -33.22 -24.91 21.25
C PHE B 238 -34.49 -24.11 21.41
N THR B 239 -34.54 -22.91 20.86
CA THR B 239 -35.78 -22.15 20.88
C THR B 239 -36.84 -22.80 20.00
N GLU B 240 -38.10 -22.52 20.33
CA GLU B 240 -39.21 -22.89 19.48
C GLU B 240 -39.41 -21.84 18.38
N ILE B 241 -39.75 -22.30 17.18
CA ILE B 241 -40.01 -21.39 16.08
C ILE B 241 -41.50 -21.04 16.03
N VAL B 242 -41.79 -19.75 16.04
CA VAL B 242 -43.18 -19.28 16.01
C VAL B 242 -43.85 -19.63 14.69
N SER B 243 -43.30 -19.09 13.61
CA SER B 243 -43.81 -19.35 12.28
C SER B 243 -42.68 -19.45 11.28
N THR B 244 -43.03 -19.85 10.07
CA THR B 244 -42.09 -20.22 9.03
C THR B 244 -41.91 -19.08 8.01
N ASP B 245 -42.74 -18.05 8.13
CA ASP B 245 -42.87 -17.02 7.10
C ASP B 245 -41.59 -16.22 6.86
N ALA B 246 -40.77 -16.05 7.90
CA ALA B 246 -39.52 -15.29 7.78
C ALA B 246 -38.51 -15.93 6.81
N PHE B 247 -38.70 -17.19 6.45
CA PHE B 247 -37.76 -17.89 5.57
C PHE B 247 -38.29 -18.08 4.15
N ASN B 248 -39.53 -17.63 3.92
CA ASN B 248 -40.20 -17.79 2.64
C ASN B 248 -39.29 -17.44 1.46
N MET B 249 -38.54 -16.34 1.62
CA MET B 249 -37.58 -15.90 0.63
C MET B 249 -36.55 -16.98 0.34
N LEU B 250 -35.83 -17.35 1.39
CA LEU B 250 -34.76 -18.33 1.32
C LEU B 250 -35.32 -19.69 0.89
N ALA B 251 -36.54 -20.00 1.32
CA ALA B 251 -37.16 -21.28 0.97
C ALA B 251 -37.43 -21.34 -0.53
N ALA B 252 -38.21 -20.37 -1.01
CA ALA B 252 -38.61 -20.29 -2.42
C ALA B 252 -37.39 -20.33 -3.32
N LYS B 253 -36.34 -19.71 -2.81
CA LYS B 253 -35.07 -19.52 -3.49
C LYS B 253 -34.18 -20.77 -3.64
N THR B 254 -34.03 -21.50 -2.55
CA THR B 254 -33.21 -22.70 -2.54
C THR B 254 -34.05 -23.89 -2.91
N GLY B 255 -35.36 -23.74 -2.81
CA GLY B 255 -36.26 -24.85 -3.10
C GLY B 255 -36.27 -25.86 -1.98
N TYR B 256 -35.67 -25.49 -0.85
CA TYR B 256 -35.75 -26.31 0.36
C TYR B 256 -36.71 -25.68 1.36
N SER B 257 -37.71 -26.44 1.79
CA SER B 257 -38.66 -25.92 2.76
C SER B 257 -38.03 -25.85 4.14
N VAL B 258 -38.58 -24.99 5.00
CA VAL B 258 -38.12 -24.91 6.38
C VAL B 258 -38.20 -26.25 7.09
N GLU B 259 -39.31 -26.96 6.88
CA GLU B 259 -39.57 -28.24 7.50
C GLU B 259 -38.47 -29.27 7.23
N LYS B 260 -37.93 -29.24 6.02
CA LYS B 260 -36.81 -30.09 5.68
C LYS B 260 -35.59 -29.75 6.54
N LEU B 261 -35.34 -28.45 6.71
CA LEU B 261 -34.18 -28.01 7.48
C LEU B 261 -34.36 -28.30 8.98
N LEU B 262 -35.60 -28.29 9.47
CA LEU B 262 -35.86 -28.65 10.86
C LEU B 262 -35.43 -30.08 11.11
N GLU B 263 -35.75 -30.93 10.14
CA GLU B 263 -35.29 -32.31 10.12
C GLU B 263 -33.77 -32.36 10.24
N CYS B 264 -33.09 -31.53 9.44
CA CYS B 264 -31.64 -31.48 9.49
C CYS B 264 -31.12 -31.09 10.88
N ILE B 265 -31.78 -30.13 11.52
CA ILE B 265 -31.31 -29.65 12.82
C ILE B 265 -31.32 -30.75 13.89
N VAL B 266 -32.44 -31.45 14.04
CA VAL B 266 -32.58 -32.55 15.00
C VAL B 266 -31.55 -33.64 14.75
N ARG B 267 -31.22 -33.88 13.49
CA ARG B 267 -30.25 -34.89 13.13
C ARG B 267 -28.82 -34.39 13.35
N LEU B 268 -28.53 -33.17 12.89
CA LEU B 268 -27.18 -32.59 13.03
C LEU B 268 -26.81 -32.25 14.47
N ASN B 269 -27.80 -32.09 15.33
CA ASN B 269 -27.54 -31.80 16.73
C ASN B 269 -26.86 -33.00 17.40
N LYS B 270 -27.04 -34.18 16.84
CA LYS B 270 -26.36 -35.38 17.32
C LYS B 270 -24.89 -35.43 16.87
N GLY B 271 -24.47 -34.44 16.08
CA GLY B 271 -23.08 -34.36 15.65
C GLY B 271 -22.92 -34.26 14.15
N PHE B 272 -21.82 -33.68 13.70
CA PHE B 272 -21.58 -33.49 12.26
C PHE B 272 -20.95 -34.73 11.60
N GLY B 273 -20.61 -35.71 12.43
CA GLY B 273 -20.06 -36.96 11.94
C GLY B 273 -18.78 -36.75 11.16
N GLY B 274 -17.97 -35.80 11.60
CA GLY B 274 -16.69 -35.52 10.97
C GLY B 274 -16.74 -34.76 9.67
N ARG B 275 -17.88 -34.17 9.35
CA ARG B 275 -17.96 -33.26 8.21
C ARG B 275 -18.12 -31.83 8.73
N THR B 276 -18.01 -30.85 7.84
CA THR B 276 -18.24 -29.48 8.27
C THR B 276 -19.36 -28.84 7.47
N ILE B 277 -19.88 -27.74 8.01
CA ILE B 277 -20.87 -26.93 7.31
C ILE B 277 -20.38 -25.49 7.38
N LEU B 278 -20.06 -24.93 6.22
CA LEU B 278 -19.46 -23.59 6.13
C LEU B 278 -18.24 -23.49 7.04
N SER B 279 -17.47 -24.59 7.06
CA SER B 279 -16.24 -24.72 7.83
C SER B 279 -16.45 -24.82 9.33
N TYR B 280 -17.71 -24.92 9.75
CA TYR B 280 -18.03 -25.12 11.17
C TYR B 280 -18.15 -26.60 11.49
N GLY B 281 -17.85 -26.96 12.74
CA GLY B 281 -17.90 -28.34 13.18
C GLY B 281 -19.15 -28.66 13.97
N SER B 282 -19.95 -27.63 14.24
CA SER B 282 -21.24 -27.82 14.89
C SER B 282 -22.17 -26.69 14.44
N LEU B 283 -23.45 -26.80 14.77
CA LEU B 283 -24.46 -25.82 14.40
C LEU B 283 -24.15 -24.42 14.94
N CYS B 284 -24.33 -23.40 14.09
CA CYS B 284 -24.06 -22.00 14.47
C CYS B 284 -25.33 -21.16 14.54
N ASP B 285 -25.56 -20.48 15.67
CA ASP B 285 -26.78 -19.68 15.81
C ASP B 285 -26.49 -18.18 15.91
N GLU B 286 -25.37 -17.74 15.35
CA GLU B 286 -24.99 -16.32 15.41
C GLU B 286 -25.42 -15.49 14.22
N PHE B 287 -26.05 -16.11 13.22
CA PHE B 287 -26.52 -15.38 12.05
C PHE B 287 -28.05 -15.44 11.95
N THR B 288 -28.69 -14.28 11.97
CA THR B 288 -30.14 -14.18 11.87
C THR B 288 -30.63 -14.42 10.44
N PRO B 289 -31.91 -14.75 10.26
CA PRO B 289 -32.49 -14.82 8.92
C PRO B 289 -32.24 -13.52 8.15
N THR B 290 -32.41 -12.38 8.81
CA THR B 290 -32.17 -11.07 8.21
C THR B 290 -30.76 -10.96 7.67
N GLU B 291 -29.78 -11.27 8.53
CA GLU B 291 -28.38 -11.25 8.13
C GLU B 291 -28.07 -12.11 6.92
N VAL B 292 -28.62 -13.32 6.91
CA VAL B 292 -28.36 -14.24 5.82
C VAL B 292 -29.02 -13.73 4.53
N ILE B 293 -30.28 -13.30 4.65
CA ILE B 293 -31.00 -12.73 3.52
C ILE B 293 -30.24 -11.55 2.93
N ARG B 294 -29.91 -10.57 3.77
CA ARG B 294 -29.18 -9.36 3.34
C ARG B 294 -27.81 -9.68 2.79
N GLN B 295 -27.02 -10.42 3.56
CA GLN B 295 -25.65 -10.71 3.16
C GLN B 295 -25.60 -11.58 1.91
N MET B 296 -26.71 -12.20 1.56
CA MET B 296 -26.70 -12.92 0.30
C MET B 296 -27.37 -12.09 -0.82
N TYR B 297 -28.33 -11.20 -0.49
CA TYR B 297 -29.19 -10.58 -1.53
C TYR B 297 -29.49 -9.09 -1.42
N GLY B 298 -30.23 -8.61 -2.42
CA GLY B 298 -30.47 -7.19 -2.62
C GLY B 298 -30.96 -6.39 -1.43
N VAL B 299 -30.11 -6.30 -0.42
CA VAL B 299 -30.37 -5.49 0.77
C VAL B 299 -31.64 -6.01 1.49
N SER C 1 44.21 -14.97 -12.04
CA SER C 1 43.87 -13.66 -12.61
C SER C 1 43.01 -13.85 -13.86
N GLY C 2 42.94 -12.80 -14.68
CA GLY C 2 42.17 -12.81 -15.92
C GLY C 2 40.75 -12.28 -15.77
N LEU C 3 40.23 -11.59 -16.79
CA LEU C 3 38.85 -11.10 -16.72
C LEU C 3 38.04 -11.49 -17.95
N ARG C 4 37.04 -12.33 -17.73
CA ARG C 4 36.10 -12.73 -18.78
C ARG C 4 34.70 -12.44 -18.31
N LYS C 5 33.80 -12.08 -19.22
CA LYS C 5 32.40 -11.95 -18.86
C LYS C 5 31.82 -13.34 -18.63
N MET C 6 31.28 -13.57 -17.44
CA MET C 6 30.83 -14.90 -17.08
C MET C 6 29.33 -14.98 -16.90
N ALA C 7 28.81 -16.19 -17.07
CA ALA C 7 27.43 -16.48 -16.72
C ALA C 7 27.41 -17.43 -15.52
N GLN C 8 26.39 -17.35 -14.70
CA GLN C 8 26.18 -18.36 -13.68
C GLN C 8 25.63 -19.64 -14.33
N PRO C 9 25.84 -20.80 -13.67
CA PRO C 9 25.49 -22.08 -14.30
C PRO C 9 24.01 -22.17 -14.62
N SER C 10 23.67 -22.75 -15.76
CA SER C 10 22.31 -22.69 -16.29
C SER C 10 21.48 -23.92 -15.99
N GLY C 11 22.07 -24.90 -15.30
CA GLY C 11 21.41 -26.19 -15.13
C GLY C 11 20.02 -26.11 -14.53
N VAL C 12 19.85 -25.26 -13.54
CA VAL C 12 18.56 -25.15 -12.88
C VAL C 12 17.48 -24.56 -13.83
N VAL C 13 17.90 -23.81 -14.85
CA VAL C 13 16.93 -23.18 -15.77
C VAL C 13 16.60 -24.05 -16.99
N GLU C 14 17.60 -24.73 -17.54
CA GLU C 14 17.46 -25.52 -18.77
C GLU C 14 16.20 -26.41 -18.86
N PRO C 15 15.84 -27.13 -17.78
CA PRO C 15 14.65 -27.99 -17.92
C PRO C 15 13.35 -27.21 -18.07
N CYS C 16 13.39 -25.88 -17.96
CA CYS C 16 12.15 -25.10 -18.04
C CYS C 16 11.86 -24.56 -19.42
N ILE C 17 12.78 -24.74 -20.36
CA ILE C 17 12.63 -24.17 -21.69
C ILE C 17 11.85 -25.10 -22.61
N VAL C 18 10.78 -24.59 -23.23
CA VAL C 18 10.00 -25.37 -24.19
C VAL C 18 9.87 -24.66 -25.53
N ARG C 19 9.57 -25.42 -26.58
CA ARG C 19 9.29 -24.81 -27.88
C ARG C 19 7.83 -24.41 -27.96
N VAL C 20 7.56 -23.16 -28.32
CA VAL C 20 6.17 -22.73 -28.51
C VAL C 20 5.96 -22.29 -29.95
N ALA C 21 5.09 -23.01 -30.64
CA ALA C 21 4.70 -22.67 -31.98
C ALA C 21 3.20 -22.38 -31.99
N TYR C 22 2.83 -21.27 -32.63
CA TYR C 22 1.43 -20.98 -32.88
C TYR C 22 1.37 -20.42 -34.28
N GLY C 23 0.50 -21.00 -35.10
CA GLY C 23 0.42 -20.62 -36.50
C GLY C 23 1.80 -20.60 -37.12
N ASN C 24 2.18 -19.42 -37.62
CA ASN C 24 3.43 -19.31 -38.37
C ASN C 24 4.61 -18.91 -37.49
N ASN C 25 4.37 -18.75 -36.20
CA ASN C 25 5.40 -18.29 -35.27
C ASN C 25 6.00 -19.41 -34.41
N VAL C 26 7.31 -19.35 -34.22
CA VAL C 26 8.03 -20.31 -33.40
C VAL C 26 9.03 -19.61 -32.48
N LEU C 27 8.85 -19.76 -31.17
CA LEU C 27 9.77 -19.19 -30.20
C LEU C 27 9.89 -20.06 -28.96
N ASN C 28 10.32 -19.46 -27.84
CA ASN C 28 10.57 -20.21 -26.61
C ASN C 28 9.61 -19.83 -25.50
N GLY C 29 9.27 -20.80 -24.66
CA GLY C 29 8.47 -20.55 -23.48
C GLY C 29 9.21 -20.95 -22.22
N LEU C 30 8.81 -20.36 -21.10
CA LEU C 30 9.32 -20.76 -19.80
C LEU C 30 8.26 -21.56 -19.06
N TRP C 31 8.50 -22.87 -18.94
CA TRP C 31 7.56 -23.80 -18.31
C TRP C 31 7.81 -23.89 -16.80
N LEU C 32 6.95 -23.23 -16.03
CA LEU C 32 7.01 -23.25 -14.58
C LEU C 32 5.71 -23.80 -14.04
N GLY C 33 5.79 -24.88 -13.26
CA GLY C 33 4.57 -25.53 -12.78
C GLY C 33 3.67 -25.88 -13.96
N ASP C 34 2.43 -25.42 -13.89
CA ASP C 34 1.44 -25.74 -14.91
C ASP C 34 1.26 -24.63 -15.94
N GLU C 35 2.27 -23.76 -16.06
CA GLU C 35 2.19 -22.62 -16.96
C GLU C 35 3.39 -22.53 -17.89
N VAL C 36 3.11 -22.13 -19.13
CA VAL C 36 4.15 -21.77 -20.06
C VAL C 36 4.05 -20.26 -20.32
N ILE C 37 5.13 -19.54 -20.01
CA ILE C 37 5.18 -18.10 -20.20
C ILE C 37 6.01 -17.79 -21.43
N CYS C 38 5.49 -16.94 -22.32
CA CYS C 38 6.21 -16.59 -23.54
C CYS C 38 5.80 -15.19 -24.03
N PRO C 39 6.52 -14.66 -25.02
CA PRO C 39 6.08 -13.36 -25.57
C PRO C 39 4.74 -13.48 -26.29
N ARG C 40 3.81 -12.60 -25.99
CA ARG C 40 2.47 -12.70 -26.56
C ARG C 40 2.44 -12.55 -28.07
N HIS C 41 3.52 -12.06 -28.69
CA HIS C 41 3.49 -11.89 -30.14
C HIS C 41 3.62 -13.22 -30.88
N VAL C 42 3.71 -14.33 -30.15
CA VAL C 42 3.71 -15.64 -30.79
C VAL C 42 2.35 -15.94 -31.46
N ILE C 43 1.26 -15.34 -30.96
CA ILE C 43 -0.06 -15.54 -31.58
C ILE C 43 -0.48 -14.41 -32.53
N ALA C 44 0.46 -13.59 -32.98
CA ALA C 44 0.11 -12.50 -33.90
C ALA C 44 0.17 -12.98 -35.34
N SER C 45 -0.96 -12.83 -36.05
CA SER C 45 -1.07 -13.15 -37.48
C SER C 45 0.13 -12.68 -38.26
N ASP C 46 0.49 -11.42 -38.04
CA ASP C 46 1.50 -10.78 -38.87
C ASP C 46 2.38 -9.88 -38.03
N THR C 47 3.57 -10.36 -37.70
CA THR C 47 4.48 -9.62 -36.83
C THR C 47 5.17 -8.46 -37.55
N SER C 48 4.80 -8.23 -38.81
CA SER C 48 5.43 -7.18 -39.60
C SER C 48 4.57 -5.92 -39.70
N ARG C 49 3.39 -5.94 -39.11
CA ARG C 49 2.53 -4.75 -39.05
C ARG C 49 2.02 -4.54 -37.62
N VAL C 50 1.50 -3.35 -37.35
CA VAL C 50 0.86 -3.04 -36.06
C VAL C 50 -0.08 -4.16 -35.65
N ILE C 51 -0.08 -4.48 -34.36
CA ILE C 51 -0.76 -5.64 -33.87
C ILE C 51 -1.84 -5.23 -32.89
N ASN C 52 -3.02 -5.78 -33.08
CA ASN C 52 -4.11 -5.57 -32.14
C ASN C 52 -4.23 -6.75 -31.18
N TYR C 53 -3.55 -6.67 -30.04
CA TYR C 53 -3.41 -7.82 -29.17
C TYR C 53 -4.73 -8.24 -28.51
N GLU C 54 -5.64 -7.29 -28.34
CA GLU C 54 -6.96 -7.59 -27.80
C GLU C 54 -7.71 -8.56 -28.71
N ASN C 55 -7.63 -8.29 -30.00
CA ASN C 55 -8.24 -9.12 -31.05
C ASN C 55 -7.55 -10.46 -31.28
N GLU C 56 -6.22 -10.42 -31.33
CA GLU C 56 -5.42 -11.62 -31.50
C GLU C 56 -5.73 -12.65 -30.42
N LEU C 57 -5.94 -12.15 -29.20
CA LEU C 57 -6.26 -12.98 -28.05
C LEU C 57 -7.72 -13.38 -28.07
N SER C 58 -8.56 -12.43 -28.46
CA SER C 58 -9.97 -12.70 -28.67
C SER C 58 -10.15 -13.90 -29.61
N SER C 59 -9.45 -13.87 -30.75
CA SER C 59 -9.57 -14.92 -31.76
C SER C 59 -8.59 -16.09 -31.63
N VAL C 60 -7.93 -16.22 -30.49
CA VAL C 60 -6.88 -17.24 -30.35
C VAL C 60 -7.44 -18.66 -30.37
N ARG C 61 -6.78 -19.55 -31.12
CA ARG C 61 -7.18 -20.95 -31.17
C ARG C 61 -6.24 -21.86 -30.37
N LEU C 62 -6.65 -22.20 -29.14
CA LEU C 62 -5.78 -22.96 -28.23
C LEU C 62 -5.28 -24.30 -28.78
N HIS C 63 -5.97 -24.85 -29.77
CA HIS C 63 -5.56 -26.13 -30.33
C HIS C 63 -4.50 -25.97 -31.43
N ASN C 64 -4.26 -24.72 -31.84
CA ASN C 64 -3.20 -24.44 -32.83
C ASN C 64 -1.85 -24.16 -32.17
N PHE C 65 -1.84 -24.22 -30.84
CA PHE C 65 -0.61 -24.19 -30.05
C PHE C 65 0.12 -25.52 -30.14
N SER C 66 1.36 -25.49 -30.59
CA SER C 66 2.23 -26.66 -30.46
C SER C 66 3.32 -26.37 -29.43
N ILE C 67 3.15 -26.89 -28.23
CA ILE C 67 4.15 -26.72 -27.18
C ILE C 67 4.87 -28.04 -26.94
N ALA C 68 6.18 -28.07 -27.13
CA ALA C 68 6.94 -29.30 -26.94
C ALA C 68 8.23 -29.13 -26.12
N LYS C 69 8.37 -30.01 -25.12
CA LYS C 69 9.62 -30.21 -24.37
C LYS C 69 9.93 -31.66 -24.60
N ASN C 70 11.15 -32.14 -24.34
CA ASN C 70 11.36 -33.57 -24.34
C ASN C 70 11.04 -33.98 -25.78
N ASN C 71 9.94 -34.68 -26.00
CA ASN C 71 9.17 -34.56 -27.21
C ASN C 71 7.72 -34.62 -26.73
N ALA C 72 7.61 -34.54 -25.40
CA ALA C 72 6.33 -34.43 -24.75
C ALA C 72 5.62 -33.18 -25.19
N PHE C 73 4.43 -33.31 -25.74
CA PHE C 73 3.66 -32.15 -26.17
C PHE C 73 2.71 -31.74 -25.07
N LEU C 74 2.85 -30.51 -24.59
CA LEU C 74 1.92 -29.96 -23.63
C LEU C 74 0.69 -29.46 -24.37
N GLY C 75 -0.48 -29.70 -23.80
CA GLY C 75 -1.70 -29.15 -24.34
C GLY C 75 -2.07 -27.89 -23.60
N VAL C 76 -2.40 -26.84 -24.36
CA VAL C 76 -2.88 -25.59 -23.76
C VAL C 76 -4.35 -25.74 -23.37
N VAL C 77 -4.72 -25.15 -22.24
CA VAL C 77 -6.09 -25.22 -21.78
C VAL C 77 -6.63 -23.85 -21.42
N SER C 78 -5.74 -22.87 -21.34
CA SER C 78 -6.12 -21.52 -20.94
C SER C 78 -5.04 -20.51 -21.30
N ALA C 79 -5.43 -19.43 -21.98
CA ALA C 79 -4.49 -18.37 -22.31
C ALA C 79 -4.96 -17.01 -21.75
N LYS C 80 -4.00 -16.23 -21.26
CA LYS C 80 -4.25 -14.84 -20.87
C LYS C 80 -2.98 -14.00 -21.07
N TYR C 81 -3.16 -12.69 -21.15
CA TYR C 81 -2.02 -11.80 -21.11
C TYR C 81 -1.63 -11.50 -19.67
N LYS C 82 -0.33 -11.33 -19.44
CA LYS C 82 0.15 -10.67 -18.25
C LYS C 82 1.14 -9.65 -18.77
N GLY C 83 0.65 -8.44 -19.02
CA GLY C 83 1.42 -7.43 -19.69
C GLY C 83 1.72 -7.88 -21.10
N VAL C 84 3.00 -7.82 -21.48
CA VAL C 84 3.41 -8.23 -22.81
C VAL C 84 3.71 -9.73 -22.86
N ASN C 85 3.46 -10.44 -21.76
CA ASN C 85 3.64 -11.88 -21.75
C ASN C 85 2.34 -12.63 -21.89
N LEU C 86 2.37 -13.66 -22.71
CA LEU C 86 1.31 -14.65 -22.79
C LEU C 86 1.56 -15.67 -21.69
N VAL C 87 0.54 -15.92 -20.88
CA VAL C 87 0.62 -16.97 -19.87
C VAL C 87 -0.36 -18.08 -20.26
N LEU C 88 0.20 -19.22 -20.65
CA LEU C 88 -0.60 -20.37 -21.04
C LEU C 88 -0.67 -21.42 -19.93
N LYS C 89 -1.89 -21.81 -19.57
CA LYS C 89 -2.11 -22.94 -18.68
C LYS C 89 -1.94 -24.23 -19.51
N VAL C 90 -1.17 -25.19 -19.01
CA VAL C 90 -0.94 -26.42 -19.77
C VAL C 90 -1.43 -27.66 -19.01
N ASN C 91 -1.43 -28.82 -19.68
CA ASN C 91 -2.06 -30.02 -19.13
C ASN C 91 -1.14 -30.90 -18.29
N GLN C 92 0.10 -30.46 -18.11
CA GLN C 92 1.06 -31.19 -17.30
C GLN C 92 1.98 -30.24 -16.55
N VAL C 93 2.20 -30.51 -15.28
CA VAL C 93 3.04 -29.68 -14.43
C VAL C 93 4.51 -30.03 -14.64
N ASN C 94 5.36 -29.02 -14.79
CA ASN C 94 6.79 -29.25 -14.98
C ASN C 94 7.37 -29.94 -13.72
N PRO C 95 7.78 -31.20 -13.86
CA PRO C 95 8.27 -31.91 -12.67
C PRO C 95 9.63 -31.36 -12.25
N ASN C 96 10.29 -30.66 -13.18
CA ASN C 96 11.60 -30.10 -12.92
C ASN C 96 11.56 -28.60 -12.62
N THR C 97 10.40 -28.09 -12.21
CA THR C 97 10.27 -26.67 -11.88
C THR C 97 11.17 -26.34 -10.69
N PRO C 98 12.10 -25.39 -10.85
CA PRO C 98 12.95 -25.06 -9.72
C PRO C 98 12.29 -24.09 -8.77
N GLU C 99 12.80 -23.99 -7.55
CA GLU C 99 12.36 -22.94 -6.64
C GLU C 99 12.84 -21.60 -7.16
N HIS C 100 11.95 -20.62 -7.21
CA HIS C 100 12.29 -19.38 -7.89
C HIS C 100 11.47 -18.21 -7.42
N LYS C 101 12.00 -17.02 -7.66
CA LYS C 101 11.25 -15.80 -7.45
C LYS C 101 11.30 -15.00 -8.75
N PHE C 102 10.57 -13.90 -8.80
CA PHE C 102 10.70 -12.97 -9.92
C PHE C 102 11.24 -11.65 -9.37
N LYS C 103 12.10 -10.98 -10.13
CA LYS C 103 12.48 -9.62 -9.77
C LYS C 103 12.89 -8.91 -11.02
N SER C 104 12.98 -7.59 -10.95
CA SER C 104 13.46 -6.82 -12.07
C SER C 104 14.91 -6.47 -11.86
N VAL C 105 15.68 -6.47 -12.94
CA VAL C 105 17.05 -5.97 -12.85
C VAL C 105 17.01 -4.50 -13.26
N ARG C 106 18.04 -3.75 -12.86
CA ARG C 106 18.06 -2.31 -13.12
C ARG C 106 19.29 -1.94 -13.97
N PRO C 107 19.25 -0.79 -14.67
CA PRO C 107 20.41 -0.35 -15.45
C PRO C 107 21.70 -0.45 -14.66
N GLY C 108 22.77 -0.94 -15.30
CA GLY C 108 24.01 -1.14 -14.59
C GLY C 108 24.19 -2.54 -13.98
N GLU C 109 23.12 -3.32 -13.90
CA GLU C 109 23.21 -4.64 -13.25
C GLU C 109 23.53 -5.75 -14.24
N SER C 110 24.31 -6.72 -13.80
CA SER C 110 24.65 -7.89 -14.60
C SER C 110 23.65 -9.03 -14.37
N PHE C 111 23.31 -9.74 -15.44
CA PHE C 111 22.53 -10.96 -15.29
C PHE C 111 22.81 -11.93 -16.43
N ASN C 112 22.19 -13.11 -16.36
CA ASN C 112 22.49 -14.24 -17.24
C ASN C 112 21.44 -14.48 -18.30
N ILE C 113 21.88 -14.76 -19.52
CA ILE C 113 20.96 -15.11 -20.58
C ILE C 113 21.16 -16.56 -20.97
N LEU C 114 20.07 -17.33 -20.95
CA LEU C 114 20.05 -18.65 -21.59
C LEU C 114 19.42 -18.47 -22.95
N ALA C 115 20.25 -18.32 -23.98
CA ALA C 115 19.78 -18.16 -25.34
C ALA C 115 19.24 -19.47 -25.86
N CYS C 116 17.98 -19.47 -26.27
CA CYS C 116 17.32 -20.68 -26.71
C CYS C 116 16.90 -20.51 -28.15
N TYR C 117 16.95 -21.59 -28.92
CA TYR C 117 16.67 -21.48 -30.35
C TYR C 117 15.52 -22.41 -30.70
N GLU C 118 14.34 -21.82 -30.91
CA GLU C 118 13.12 -22.58 -31.20
C GLU C 118 12.98 -23.81 -30.30
N GLY C 119 13.14 -23.61 -28.99
CA GLY C 119 12.87 -24.64 -28.00
C GLY C 119 14.06 -25.27 -27.31
N CYS C 120 15.22 -25.21 -27.96
CA CYS C 120 16.41 -25.84 -27.41
C CYS C 120 17.31 -24.79 -26.77
N PRO C 121 17.62 -24.99 -25.48
CA PRO C 121 18.70 -24.21 -24.87
C PRO C 121 19.98 -24.35 -25.71
N GLY C 122 20.58 -23.25 -26.13
CA GLY C 122 21.76 -23.36 -26.96
C GLY C 122 23.02 -22.72 -26.41
N SER C 123 22.86 -21.66 -25.64
CA SER C 123 24.04 -21.03 -25.05
C SER C 123 23.68 -20.22 -23.82
N VAL C 124 24.70 -19.86 -23.06
CA VAL C 124 24.50 -19.12 -21.85
C VAL C 124 25.61 -18.09 -21.78
N TYR C 125 25.25 -16.86 -21.45
CA TYR C 125 26.24 -15.77 -21.40
C TYR C 125 25.77 -14.62 -20.54
N GLY C 126 26.71 -13.80 -20.08
CA GLY C 126 26.40 -12.70 -19.21
C GLY C 126 26.10 -11.43 -19.98
N VAL C 127 25.19 -10.63 -19.44
CA VAL C 127 24.86 -9.32 -20.01
C VAL C 127 24.79 -8.28 -18.90
N ASN C 128 24.67 -7.02 -19.29
CA ASN C 128 24.52 -5.96 -18.31
C ASN C 128 23.45 -5.03 -18.83
N MET C 129 22.54 -4.60 -17.97
CA MET C 129 21.45 -3.74 -18.44
C MET C 129 21.97 -2.31 -18.69
N ARG C 130 21.66 -1.79 -19.88
CA ARG C 130 22.04 -0.44 -20.27
C ARG C 130 21.07 0.59 -19.67
N SER C 131 21.44 1.87 -19.75
CA SER C 131 20.65 2.96 -19.19
C SER C 131 19.20 3.00 -19.69
N GLN C 132 18.98 2.75 -20.97
CA GLN C 132 17.63 2.84 -21.50
C GLN C 132 16.83 1.56 -21.31
N GLY C 133 17.33 0.67 -20.46
CA GLY C 133 16.62 -0.58 -20.19
C GLY C 133 16.83 -1.70 -21.19
N THR C 134 17.72 -1.48 -22.15
CA THR C 134 18.08 -2.49 -23.13
C THR C 134 19.28 -3.33 -22.67
N ILE C 135 19.57 -4.40 -23.41
CA ILE C 135 20.86 -5.05 -23.30
C ILE C 135 21.46 -5.22 -24.68
N LYS C 136 22.77 -5.36 -24.71
CA LYS C 136 23.47 -5.86 -25.90
C LYS C 136 23.71 -7.36 -25.73
N GLY C 137 22.87 -8.15 -26.36
CA GLY C 137 23.03 -9.58 -26.31
C GLY C 137 23.37 -10.09 -27.68
N SER C 138 22.80 -11.23 -28.02
CA SER C 138 23.00 -11.80 -29.33
C SER C 138 21.78 -12.63 -29.60
N PHE C 139 20.79 -11.99 -30.18
CA PHE C 139 19.51 -12.61 -30.40
C PHE C 139 19.17 -12.55 -31.87
N ILE C 140 18.60 -13.62 -32.37
CA ILE C 140 18.19 -13.70 -33.75
C ILE C 140 16.81 -14.34 -33.83
N ALA C 141 16.28 -14.41 -35.04
CA ALA C 141 15.00 -15.07 -35.26
C ALA C 141 15.07 -16.45 -34.63
N GLY C 142 14.08 -16.76 -33.80
CA GLY C 142 13.98 -18.04 -33.14
C GLY C 142 14.35 -17.99 -31.67
N THR C 143 14.88 -16.86 -31.23
CA THR C 143 15.39 -16.76 -29.87
C THR C 143 14.47 -15.98 -28.95
N CYS C 144 13.29 -15.58 -29.43
CA CYS C 144 12.37 -14.88 -28.56
C CYS C 144 11.92 -15.81 -27.42
N GLY C 145 11.66 -15.23 -26.26
CA GLY C 145 11.30 -16.01 -25.10
C GLY C 145 12.53 -16.59 -24.42
N SER C 146 13.72 -16.30 -24.94
CA SER C 146 14.93 -16.61 -24.22
C SER C 146 14.88 -15.93 -22.86
N VAL C 147 15.49 -16.55 -21.86
CA VAL C 147 15.28 -16.16 -20.49
C VAL C 147 16.51 -15.59 -19.78
N GLY C 148 16.29 -14.52 -19.01
CA GLY C 148 17.32 -13.94 -18.18
C GLY C 148 17.11 -14.31 -16.72
N TYR C 149 18.20 -14.60 -16.01
CA TYR C 149 18.09 -15.03 -14.63
C TYR C 149 19.28 -14.58 -13.80
N VAL C 150 19.09 -14.53 -12.49
N VAL C 150 19.07 -14.53 -12.49
CA VAL C 150 20.21 -14.24 -11.60
CA VAL C 150 20.11 -14.21 -11.53
C VAL C 150 20.12 -15.10 -10.34
C VAL C 150 20.08 -15.23 -10.40
N LEU C 151 21.25 -15.65 -9.95
CA LEU C 151 21.35 -16.45 -8.73
C LEU C 151 21.93 -15.58 -7.62
N GLU C 152 21.17 -15.43 -6.55
CA GLU C 152 21.50 -14.55 -5.43
C GLU C 152 20.96 -15.14 -4.15
N ASN C 153 21.80 -15.28 -3.12
CA ASN C 153 21.40 -15.90 -1.86
C ASN C 153 21.06 -17.37 -2.07
N GLY C 154 21.63 -17.97 -3.12
CA GLY C 154 21.25 -19.32 -3.50
C GLY C 154 19.83 -19.38 -4.07
N THR C 155 19.18 -18.22 -4.11
CA THR C 155 17.86 -18.07 -4.69
C THR C 155 17.97 -17.85 -6.19
N LEU C 156 17.12 -18.53 -6.96
CA LEU C 156 16.98 -18.29 -8.40
C LEU C 156 15.93 -17.20 -8.68
N TYR C 157 16.34 -16.13 -9.37
CA TYR C 157 15.41 -15.11 -9.83
C TYR C 157 15.28 -15.12 -11.34
N PHE C 158 14.07 -15.26 -11.86
CA PHE C 158 13.84 -14.95 -13.28
C PHE C 158 13.64 -13.44 -13.47
N VAL C 159 14.35 -12.85 -14.41
CA VAL C 159 14.36 -11.39 -14.52
C VAL C 159 14.11 -10.84 -15.91
N TYR C 160 14.12 -11.70 -16.93
CA TYR C 160 14.10 -11.24 -18.32
C TYR C 160 13.54 -12.27 -19.29
N MET C 161 12.71 -11.81 -20.22
CA MET C 161 12.26 -12.64 -21.33
C MET C 161 12.41 -11.82 -22.60
N HIS C 162 13.04 -12.40 -23.63
CA HIS C 162 13.39 -11.63 -24.81
C HIS C 162 12.26 -11.44 -25.83
N HIS C 163 12.08 -10.19 -26.28
CA HIS C 163 10.99 -9.87 -27.20
C HIS C 163 11.44 -9.37 -28.58
N LEU C 164 12.42 -8.50 -28.63
CA LEU C 164 12.74 -7.84 -29.90
C LEU C 164 14.07 -7.13 -29.95
N GLU C 165 14.44 -6.71 -31.16
CA GLU C 165 15.63 -5.92 -31.36
C GLU C 165 15.21 -4.55 -31.88
N LEU C 166 15.80 -3.50 -31.32
CA LEU C 166 15.58 -2.15 -31.80
C LEU C 166 16.29 -1.93 -33.14
N GLY C 167 15.95 -0.84 -33.80
CA GLY C 167 16.51 -0.54 -35.10
C GLY C 167 18.02 -0.46 -35.04
N ASN C 168 18.55 0.04 -33.92
CA ASN C 168 20.00 0.21 -33.76
C ASN C 168 20.73 -1.06 -33.29
N GLY C 169 20.01 -2.14 -33.06
CA GLY C 169 20.66 -3.39 -32.70
C GLY C 169 20.64 -3.74 -31.22
N SER C 170 20.08 -2.83 -30.40
CA SER C 170 19.94 -3.07 -28.97
C SER C 170 18.76 -4.00 -28.68
N HIS C 171 18.87 -4.79 -27.60
CA HIS C 171 17.87 -5.82 -27.35
C HIS C 171 16.92 -5.49 -26.21
N VAL C 172 15.69 -5.92 -26.38
CA VAL C 172 14.60 -5.44 -25.57
C VAL C 172 13.78 -6.63 -25.08
N GLY C 173 13.51 -6.66 -23.78
CA GLY C 173 12.68 -7.70 -23.21
C GLY C 173 11.88 -7.22 -22.03
N SER C 174 11.16 -8.14 -21.40
CA SER C 174 10.29 -7.80 -20.29
C SER C 174 10.75 -8.52 -19.03
N ASN C 175 10.24 -8.08 -17.88
CA ASN C 175 10.40 -8.94 -16.71
C ASN C 175 9.27 -9.97 -16.74
N LEU C 176 9.24 -10.86 -15.75
CA LEU C 176 8.32 -12.00 -15.77
C LEU C 176 6.96 -11.63 -15.21
N GLU C 177 6.78 -10.35 -14.90
CA GLU C 177 5.45 -9.83 -14.65
C GLU C 177 4.94 -9.15 -15.92
N GLY C 178 5.72 -9.25 -16.99
CA GLY C 178 5.31 -8.71 -18.27
C GLY C 178 5.45 -7.21 -18.51
N GLU C 179 6.17 -6.51 -17.64
CA GLU C 179 6.53 -5.10 -17.90
C GLU C 179 7.77 -5.06 -18.78
N MET C 180 7.65 -4.42 -19.95
CA MET C 180 8.78 -4.32 -20.86
C MET C 180 9.81 -3.35 -20.29
N TYR C 181 11.07 -3.77 -20.19
CA TYR C 181 12.13 -2.88 -19.74
C TYR C 181 12.27 -1.70 -20.71
N GLY C 182 12.52 -0.51 -20.15
CA GLY C 182 12.67 0.68 -20.95
C GLY C 182 11.35 1.17 -21.53
N GLY C 183 10.25 0.57 -21.08
CA GLY C 183 8.92 0.96 -21.50
C GLY C 183 8.61 0.80 -22.99
N TYR C 184 9.44 0.08 -23.72
CA TYR C 184 9.17 -0.19 -25.14
C TYR C 184 7.91 -1.03 -25.30
N GLU C 185 7.40 -1.10 -26.51
CA GLU C 185 6.21 -1.91 -26.75
C GLU C 185 6.54 -3.01 -27.73
N ASP C 186 5.80 -4.11 -27.63
CA ASP C 186 6.03 -5.26 -28.51
C ASP C 186 5.32 -5.04 -29.84
N GLN C 187 5.77 -4.02 -30.55
CA GLN C 187 5.25 -3.72 -31.86
C GLN C 187 6.41 -3.60 -32.81
N PRO C 188 6.19 -4.01 -34.08
CA PRO C 188 7.18 -3.83 -35.14
C PRO C 188 7.23 -2.36 -35.63
N SER C 189 6.93 -1.42 -34.74
CA SER C 189 6.98 -0.01 -35.08
C SER C 189 8.38 0.47 -34.87
N MET C 190 8.68 1.64 -35.40
CA MET C 190 9.92 2.28 -35.03
C MET C 190 9.87 2.65 -33.56
N GLN C 191 10.99 2.41 -32.88
CA GLN C 191 11.16 2.80 -31.48
C GLN C 191 12.61 3.18 -31.26
N LEU C 192 12.80 4.36 -30.69
CA LEU C 192 14.14 4.90 -30.48
C LEU C 192 14.62 4.51 -29.10
N GLU C 193 15.91 4.23 -28.98
CA GLU C 193 16.41 3.81 -27.68
C GLU C 193 16.50 4.98 -26.72
N GLY C 194 17.05 6.08 -27.21
CA GLY C 194 17.50 7.16 -26.35
C GLY C 194 19.00 7.03 -26.32
N THR C 195 19.68 8.05 -25.80
CA THR C 195 21.13 8.01 -25.80
C THR C 195 21.60 7.17 -24.60
N ASN C 196 22.64 6.38 -24.83
CA ASN C 196 23.12 5.45 -23.82
C ASN C 196 24.02 6.13 -22.84
N VAL C 197 23.73 5.96 -21.55
CA VAL C 197 24.58 6.52 -20.53
C VAL C 197 25.43 5.43 -19.88
N MET C 198 26.74 5.47 -20.13
CA MET C 198 27.66 4.49 -19.55
C MET C 198 27.66 4.58 -18.04
N SER C 199 27.70 3.43 -17.39
CA SER C 199 27.83 3.35 -15.94
C SER C 199 29.28 3.61 -15.52
N SER C 200 29.53 4.73 -14.84
CA SER C 200 30.89 5.06 -14.43
C SER C 200 31.43 4.08 -13.41
N ASP C 201 30.58 3.65 -12.47
CA ASP C 201 30.95 2.59 -11.53
C ASP C 201 31.53 1.35 -12.20
N ASN C 202 30.84 0.89 -13.25
CA ASN C 202 31.27 -0.30 -13.94
C ASN C 202 32.57 -0.09 -14.71
N VAL C 203 32.79 1.12 -15.23
CA VAL C 203 34.02 1.37 -15.98
C VAL C 203 35.23 1.42 -15.04
N VAL C 204 35.06 2.02 -13.87
CA VAL C 204 36.09 2.00 -12.86
C VAL C 204 36.50 0.56 -12.52
N ALA C 205 35.52 -0.30 -12.23
CA ALA C 205 35.79 -1.69 -11.91
C ALA C 205 36.58 -2.34 -13.02
N PHE C 206 36.16 -2.07 -14.25
CA PHE C 206 36.82 -2.58 -15.45
C PHE C 206 38.28 -2.16 -15.47
N LEU C 207 38.53 -0.89 -15.20
CA LEU C 207 39.90 -0.37 -15.19
C LEU C 207 40.68 -0.96 -14.03
N TYR C 208 40.02 -1.10 -12.88
CA TYR C 208 40.64 -1.79 -11.75
C TYR C 208 41.00 -3.23 -12.11
N ALA C 209 40.09 -3.93 -12.79
CA ALA C 209 40.36 -5.29 -13.25
C ALA C 209 41.63 -5.34 -14.09
N ALA C 210 41.76 -4.36 -14.97
CA ALA C 210 42.90 -4.22 -15.86
C ALA C 210 44.21 -4.06 -15.08
N LEU C 211 44.18 -3.17 -14.10
CA LEU C 211 45.35 -2.92 -13.26
C LEU C 211 45.81 -4.24 -12.64
N ILE C 212 44.85 -4.96 -12.06
CA ILE C 212 45.10 -6.25 -11.39
C ILE C 212 45.73 -7.27 -12.34
N ASN C 213 45.32 -7.25 -13.60
CA ASN C 213 45.94 -8.10 -14.60
C ASN C 213 47.31 -7.61 -15.07
N GLY C 214 47.78 -6.50 -14.50
CA GLY C 214 49.09 -5.96 -14.82
C GLY C 214 49.11 -5.02 -16.02
N GLU C 215 47.94 -4.62 -16.47
CA GLU C 215 47.82 -3.61 -17.53
C GLU C 215 47.70 -2.22 -16.91
N ARG C 216 48.71 -1.37 -17.11
CA ARG C 216 48.65 -0.05 -16.49
C ARG C 216 49.14 1.10 -17.37
N TRP C 217 49.28 0.85 -18.66
CA TRP C 217 49.74 1.88 -19.59
C TRP C 217 48.83 3.12 -19.60
N PHE C 218 47.60 2.95 -19.13
CA PHE C 218 46.57 3.99 -19.24
C PHE C 218 46.45 4.85 -17.99
N VAL C 219 47.12 4.46 -16.90
CA VAL C 219 46.96 5.19 -15.66
C VAL C 219 48.15 6.14 -15.46
N THR C 220 47.86 7.37 -15.04
CA THR C 220 48.93 8.35 -14.81
C THR C 220 49.16 8.64 -13.33
N ASN C 221 50.03 9.61 -13.07
CA ASN C 221 50.35 10.00 -11.71
C ASN C 221 49.37 11.06 -11.23
N THR C 222 48.55 11.55 -12.15
CA THR C 222 47.60 12.61 -11.83
C THR C 222 46.21 12.06 -11.56
N SER C 223 45.39 12.89 -10.94
CA SER C 223 44.07 12.46 -10.51
C SER C 223 43.02 13.49 -10.88
N MET C 224 41.78 13.17 -10.51
CA MET C 224 40.66 14.03 -10.79
C MET C 224 39.70 13.91 -9.61
N THR C 225 39.28 15.04 -9.08
CA THR C 225 38.36 15.05 -7.95
C THR C 225 37.03 14.45 -8.36
N LEU C 226 36.34 13.84 -7.39
CA LEU C 226 35.06 13.20 -7.68
C LEU C 226 34.10 14.21 -8.29
N GLU C 227 34.18 15.44 -7.83
CA GLU C 227 33.27 16.47 -8.32
C GLU C 227 33.63 16.98 -9.72
N SER C 228 34.92 16.96 -10.06
CA SER C 228 35.31 17.30 -11.41
C SER C 228 34.73 16.27 -12.37
N TYR C 229 34.89 15.01 -12.01
CA TYR C 229 34.45 13.92 -12.89
C TYR C 229 32.96 13.96 -13.15
N ASN C 230 32.18 13.99 -12.06
CA ASN C 230 30.72 13.99 -12.15
C ASN C 230 30.22 15.12 -13.03
N ALA C 231 30.92 16.25 -12.97
CA ALA C 231 30.60 17.37 -13.85
C ALA C 231 30.82 16.97 -15.30
N TRP C 232 31.97 16.33 -15.55
CA TRP C 232 32.31 15.83 -16.88
C TRP C 232 31.29 14.78 -17.33
N ALA C 233 30.86 13.96 -16.37
CA ALA C 233 29.95 12.83 -16.61
C ALA C 233 28.61 13.23 -17.21
N LYS C 234 27.91 14.19 -16.58
CA LYS C 234 26.63 14.70 -17.11
C LYS C 234 26.74 15.09 -18.58
N THR C 235 27.84 15.75 -18.91
CA THR C 235 28.09 16.26 -20.25
C THR C 235 28.34 15.13 -21.25
N ASN C 236 29.01 14.08 -20.78
CA ASN C 236 29.52 13.06 -21.67
C ASN C 236 28.82 11.70 -21.57
N SER C 237 27.55 11.74 -21.17
CA SER C 237 26.72 10.54 -21.07
C SER C 237 27.39 9.43 -20.26
N PHE C 238 27.85 9.79 -19.08
CA PHE C 238 28.30 8.85 -18.07
C PHE C 238 27.49 9.13 -16.83
N THR C 239 27.28 8.11 -16.01
CA THR C 239 26.56 8.29 -14.75
C THR C 239 27.45 8.92 -13.69
N GLU C 240 26.84 9.60 -12.73
CA GLU C 240 27.62 10.21 -11.68
C GLU C 240 28.04 9.16 -10.67
N ILE C 241 29.22 9.34 -10.11
CA ILE C 241 29.71 8.41 -9.12
C ILE C 241 29.30 8.88 -7.74
N VAL C 242 28.79 7.94 -6.95
CA VAL C 242 28.42 8.21 -5.58
C VAL C 242 29.45 7.57 -4.65
N SER C 243 30.01 8.38 -3.77
CA SER C 243 31.05 7.96 -2.84
C SER C 243 32.18 7.19 -3.51
N THR C 244 33.00 6.51 -2.71
CA THR C 244 33.93 5.54 -3.27
C THR C 244 33.66 4.18 -2.69
N ASP C 245 32.37 3.87 -2.55
CA ASP C 245 31.87 2.51 -2.78
C ASP C 245 32.47 1.37 -1.97
N ALA C 246 33.69 1.56 -1.46
CA ALA C 246 34.63 0.48 -1.17
C ALA C 246 35.12 -0.09 -2.51
N PHE C 247 35.51 0.83 -3.40
CA PHE C 247 36.54 0.57 -4.42
C PHE C 247 37.84 0.39 -3.64
N ASN C 248 37.75 0.70 -2.35
CA ASN C 248 38.82 0.60 -1.39
C ASN C 248 39.46 -0.78 -1.37
N MET C 249 38.64 -1.81 -1.52
CA MET C 249 39.17 -3.17 -1.64
C MET C 249 40.13 -3.22 -2.84
N LEU C 250 39.66 -2.68 -3.95
CA LEU C 250 40.44 -2.62 -5.19
C LEU C 250 41.56 -1.59 -5.08
N ALA C 251 41.21 -0.39 -4.61
CA ALA C 251 42.18 0.69 -4.42
C ALA C 251 43.36 0.24 -3.58
N ALA C 252 43.07 -0.40 -2.45
CA ALA C 252 44.14 -0.87 -1.56
C ALA C 252 44.99 -1.92 -2.25
N LYS C 253 44.35 -2.87 -2.90
CA LYS C 253 45.08 -3.99 -3.48
C LYS C 253 45.78 -3.61 -4.79
N THR C 254 45.44 -2.46 -5.37
CA THR C 254 46.10 -1.99 -6.59
C THR C 254 47.06 -0.84 -6.32
N GLY C 255 46.79 -0.06 -5.29
CA GLY C 255 47.57 1.13 -5.01
C GLY C 255 46.96 2.41 -5.56
N TYR C 256 46.17 2.27 -6.63
CA TYR C 256 45.61 3.44 -7.30
C TYR C 256 44.28 3.84 -6.72
N SER C 257 44.15 5.10 -6.36
CA SER C 257 42.89 5.64 -5.89
C SER C 257 41.86 5.63 -7.02
N VAL C 258 40.61 5.85 -6.66
CA VAL C 258 39.54 6.02 -7.63
C VAL C 258 39.82 7.23 -8.50
N GLU C 259 40.25 8.30 -7.85
CA GLU C 259 40.45 9.59 -8.49
C GLU C 259 41.40 9.47 -9.68
N LYS C 260 42.43 8.63 -9.55
CA LYS C 260 43.32 8.35 -10.68
C LYS C 260 42.55 7.76 -11.87
N LEU C 261 41.66 6.82 -11.61
CA LEU C 261 40.90 6.15 -12.66
C LEU C 261 39.89 7.08 -13.34
N LEU C 262 39.32 7.99 -12.58
CA LEU C 262 38.36 8.93 -13.14
C LEU C 262 39.06 9.77 -14.21
N GLU C 263 40.32 10.12 -13.94
CA GLU C 263 41.13 10.85 -14.90
C GLU C 263 41.38 9.97 -16.14
N CYS C 264 41.55 8.67 -15.93
CA CYS C 264 41.75 7.73 -17.03
C CYS C 264 40.52 7.68 -17.93
N ILE C 265 39.34 7.64 -17.31
CA ILE C 265 38.09 7.56 -18.07
C ILE C 265 37.98 8.70 -19.04
N VAL C 266 38.28 9.90 -18.57
CA VAL C 266 38.14 11.09 -19.40
C VAL C 266 39.11 11.04 -20.59
N ARG C 267 40.36 10.69 -20.30
CA ARG C 267 41.40 10.55 -21.31
C ARG C 267 41.08 9.42 -22.30
N LEU C 268 40.69 8.26 -21.77
CA LEU C 268 40.44 7.08 -22.57
C LEU C 268 39.14 7.16 -23.37
N ASN C 269 38.22 8.02 -22.95
CA ASN C 269 36.92 8.10 -23.62
C ASN C 269 37.07 8.55 -25.07
N LYS C 270 38.11 9.34 -25.32
CA LYS C 270 38.45 9.76 -26.68
C LYS C 270 38.74 8.55 -27.57
N GLY C 271 39.53 7.63 -27.03
CA GLY C 271 39.92 6.42 -27.74
C GLY C 271 41.20 5.89 -27.14
N PHE C 272 41.53 4.64 -27.43
CA PHE C 272 42.69 4.01 -26.79
C PHE C 272 43.96 4.25 -27.60
N GLY C 273 43.82 4.89 -28.76
CA GLY C 273 44.94 5.12 -29.66
C GLY C 273 45.69 3.86 -30.02
N GLY C 274 45.02 2.93 -30.69
CA GLY C 274 45.66 1.71 -31.15
C GLY C 274 45.76 0.60 -30.12
N ARG C 275 45.99 0.97 -28.86
CA ARG C 275 46.14 -0.01 -27.79
C ARG C 275 44.80 -0.57 -27.30
N THR C 276 44.88 -1.57 -26.43
CA THR C 276 43.69 -2.20 -25.90
C THR C 276 43.79 -2.37 -24.39
N ILE C 277 42.64 -2.60 -23.76
CA ILE C 277 42.58 -2.88 -22.33
C ILE C 277 41.75 -4.14 -22.11
N LEU C 278 42.42 -5.24 -21.75
CA LEU C 278 41.78 -6.54 -21.62
C LEU C 278 41.10 -6.96 -22.92
N SER C 279 41.73 -6.60 -24.03
CA SER C 279 41.35 -6.93 -25.42
C SER C 279 40.44 -5.87 -26.06
N TYR C 280 39.82 -5.03 -25.24
CA TYR C 280 38.87 -4.05 -25.77
C TYR C 280 39.58 -2.81 -26.26
N GLY C 281 39.00 -2.18 -27.29
CA GLY C 281 39.56 -0.98 -27.86
C GLY C 281 38.75 0.22 -27.41
N SER C 282 37.78 -0.03 -26.54
CA SER C 282 36.98 1.03 -25.94
C SER C 282 36.58 0.67 -24.50
N LEU C 283 36.24 1.68 -23.72
CA LEU C 283 35.77 1.47 -22.36
C LEU C 283 34.56 0.53 -22.33
N CYS C 284 34.58 -0.39 -21.36
CA CYS C 284 33.53 -1.38 -21.17
C CYS C 284 32.84 -1.17 -19.82
N ASP C 285 31.51 -1.01 -19.81
CA ASP C 285 30.79 -0.81 -18.55
C ASP C 285 29.90 -2.01 -18.17
N GLU C 286 30.33 -3.21 -18.55
CA GLU C 286 29.47 -4.37 -18.40
C GLU C 286 29.75 -5.18 -17.15
N PHE C 287 30.81 -4.80 -16.42
CA PHE C 287 31.22 -5.48 -15.19
C PHE C 287 30.94 -4.60 -13.97
N THR C 288 30.16 -5.08 -13.02
CA THR C 288 29.92 -4.33 -11.80
C THR C 288 31.13 -4.43 -10.87
N PRO C 289 31.22 -3.55 -9.87
CA PRO C 289 32.35 -3.67 -8.94
C PRO C 289 32.31 -4.96 -8.11
N THR C 290 31.11 -5.32 -7.64
CA THR C 290 30.90 -6.58 -6.94
C THR C 290 31.36 -7.74 -7.80
N GLU C 291 30.89 -7.77 -9.04
CA GLU C 291 31.27 -8.76 -10.03
C GLU C 291 32.80 -8.89 -10.16
N VAL C 292 33.48 -7.77 -10.33
CA VAL C 292 34.91 -7.79 -10.53
C VAL C 292 35.58 -8.33 -9.28
N ILE C 293 35.21 -7.81 -8.12
CA ILE C 293 35.78 -8.28 -6.85
C ILE C 293 35.74 -9.80 -6.68
N ARG C 294 34.58 -10.42 -6.96
CA ARG C 294 34.40 -11.87 -6.79
C ARG C 294 35.26 -12.64 -7.77
N GLN C 295 35.51 -12.03 -8.95
CA GLN C 295 35.94 -12.73 -10.15
C GLN C 295 37.41 -12.93 -9.88
N MET C 296 37.97 -11.91 -9.20
CA MET C 296 39.41 -11.70 -8.94
C MET C 296 39.84 -12.23 -7.57
N TYR C 297 38.93 -12.15 -6.58
CA TYR C 297 39.33 -12.40 -5.18
C TYR C 297 38.46 -13.43 -4.43
N GLY C 298 37.21 -13.60 -4.86
CA GLY C 298 36.39 -14.67 -4.31
C GLY C 298 35.30 -14.30 -3.32
N VAL C 299 35.51 -13.26 -2.53
CA VAL C 299 34.63 -12.90 -1.39
C VAL C 299 34.04 -14.10 -0.65
N SER D 1 28.99 15.61 16.26
CA SER D 1 27.75 15.00 15.80
C SER D 1 26.63 16.03 15.61
N GLY D 2 25.41 15.52 15.39
CA GLY D 2 24.24 16.35 15.19
C GLY D 2 23.70 16.17 13.79
N LEU D 3 22.41 16.37 13.63
CA LEU D 3 21.77 16.39 12.31
C LEU D 3 20.83 17.56 12.21
N ARG D 4 21.06 18.40 11.21
CA ARG D 4 20.26 19.59 10.98
C ARG D 4 19.99 19.71 9.49
N LYS D 5 18.77 20.06 9.12
CA LYS D 5 18.48 20.34 7.72
C LYS D 5 19.22 21.63 7.37
N MET D 6 20.14 21.55 6.43
CA MET D 6 20.99 22.69 6.14
C MET D 6 20.80 23.27 4.77
N ALA D 7 21.38 24.45 4.56
CA ALA D 7 21.41 25.07 3.24
C ALA D 7 22.86 25.31 2.83
N GLN D 8 23.19 25.08 1.57
CA GLN D 8 24.47 25.54 1.04
C GLN D 8 24.51 27.07 1.05
N PRO D 9 25.72 27.65 1.19
CA PRO D 9 25.82 29.10 1.44
C PRO D 9 25.24 29.90 0.27
N SER D 10 24.63 31.05 0.54
CA SER D 10 23.80 31.76 -0.46
C SER D 10 24.50 32.96 -1.13
N GLY D 11 25.68 33.29 -0.66
CA GLY D 11 26.42 34.42 -1.19
C GLY D 11 26.47 34.62 -2.69
N VAL D 12 26.68 33.54 -3.44
CA VAL D 12 26.80 33.65 -4.89
C VAL D 12 25.44 34.01 -5.53
N VAL D 13 24.36 33.69 -4.82
CA VAL D 13 23.01 33.90 -5.33
C VAL D 13 22.44 35.27 -4.97
N GLU D 14 22.79 35.76 -3.79
CA GLU D 14 22.26 37.05 -3.29
C GLU D 14 22.36 38.23 -4.27
N PRO D 15 23.51 38.45 -4.94
CA PRO D 15 23.58 39.62 -5.83
C PRO D 15 22.66 39.52 -7.04
N CYS D 16 22.03 38.37 -7.24
CA CYS D 16 21.19 38.18 -8.42
C CYS D 16 19.72 38.49 -8.17
N ILE D 17 19.39 38.91 -6.95
CA ILE D 17 17.98 39.13 -6.60
C ILE D 17 17.58 40.59 -6.79
N VAL D 18 16.45 40.81 -7.46
CA VAL D 18 15.92 42.16 -7.68
C VAL D 18 14.45 42.21 -7.34
N ARG D 19 13.97 43.41 -7.02
CA ARG D 19 12.55 43.68 -6.83
C ARG D 19 11.88 43.86 -8.18
N VAL D 20 10.83 43.09 -8.45
CA VAL D 20 10.01 43.34 -9.63
C VAL D 20 8.61 43.70 -9.19
N ALA D 21 8.15 44.84 -9.66
CA ALA D 21 6.80 45.33 -9.40
C ALA D 21 6.10 45.61 -10.72
N TYR D 22 4.79 45.47 -10.70
CA TYR D 22 3.96 45.83 -11.84
C TYR D 22 2.57 46.12 -11.28
N GLY D 23 2.11 47.35 -11.46
CA GLY D 23 0.88 47.77 -10.83
C GLY D 23 1.04 47.66 -9.34
N ASN D 24 0.07 47.04 -8.69
CA ASN D 24 0.12 46.85 -7.23
C ASN D 24 0.92 45.62 -6.81
N ASN D 25 1.25 44.75 -7.76
CA ASN D 25 1.99 43.51 -7.45
C ASN D 25 3.49 43.76 -7.24
N VAL D 26 4.04 43.13 -6.21
CA VAL D 26 5.47 43.22 -5.92
C VAL D 26 5.99 41.85 -5.57
N LEU D 27 6.99 41.38 -6.31
CA LEU D 27 7.67 40.14 -5.93
C LEU D 27 9.14 40.19 -6.31
N ASN D 28 9.76 39.01 -6.43
CA ASN D 28 11.20 38.90 -6.67
C ASN D 28 11.52 38.38 -8.06
N GLY D 29 12.65 38.79 -8.59
CA GLY D 29 13.12 38.27 -9.86
C GLY D 29 14.58 37.86 -9.79
N LEU D 30 14.99 36.95 -10.67
CA LEU D 30 16.39 36.56 -10.81
C LEU D 30 17.03 37.28 -12.00
N TRP D 31 18.02 38.14 -11.72
CA TRP D 31 18.69 38.93 -12.76
C TRP D 31 20.01 38.28 -13.17
N LEU D 32 20.07 37.80 -14.41
CA LEU D 32 21.23 37.13 -14.97
C LEU D 32 21.47 37.61 -16.39
N GLY D 33 22.71 38.00 -16.70
CA GLY D 33 23.00 38.59 -17.99
C GLY D 33 22.10 39.81 -18.15
N ASP D 34 21.37 39.87 -19.26
CA ASP D 34 20.47 40.99 -19.56
C ASP D 34 18.99 40.61 -19.45
N GLU D 35 18.72 39.63 -18.59
CA GLU D 35 17.38 39.10 -18.37
C GLU D 35 17.01 39.08 -16.90
N VAL D 36 15.78 39.44 -16.60
CA VAL D 36 15.21 39.21 -15.30
C VAL D 36 14.09 38.19 -15.48
N ILE D 37 14.14 37.12 -14.70
CA ILE D 37 13.10 36.09 -14.71
C ILE D 37 12.32 36.17 -13.40
N CYS D 38 11.00 36.10 -13.50
CA CYS D 38 10.13 36.16 -12.33
C CYS D 38 8.81 35.42 -12.61
N PRO D 39 8.00 35.13 -11.57
CA PRO D 39 6.70 34.52 -11.84
C PRO D 39 5.81 35.44 -12.68
N ARG D 40 5.16 34.90 -13.72
CA ARG D 40 4.40 35.76 -14.62
C ARG D 40 3.18 36.40 -13.97
N HIS D 41 2.75 35.90 -12.82
CA HIS D 41 1.54 36.44 -12.19
C HIS D 41 1.78 37.83 -11.58
N VAL D 42 3.01 38.32 -11.67
CA VAL D 42 3.27 39.71 -11.29
C VAL D 42 2.49 40.71 -12.18
N ILE D 43 2.17 40.34 -13.43
CA ILE D 43 1.43 41.27 -14.30
C ILE D 43 -0.08 41.01 -14.29
N ALA D 44 -0.57 40.27 -13.30
CA ALA D 44 -2.00 40.01 -13.20
C ALA D 44 -2.67 40.98 -12.23
N SER D 45 -3.68 41.71 -12.72
CA SER D 45 -4.35 42.74 -11.94
C SER D 45 -4.97 42.25 -10.64
N ASP D 46 -5.36 40.98 -10.63
CA ASP D 46 -6.05 40.39 -9.48
C ASP D 46 -5.70 38.92 -9.33
N THR D 47 -4.74 38.62 -8.47
CA THR D 47 -4.28 37.25 -8.29
C THR D 47 -5.23 36.41 -7.44
N SER D 48 -6.23 37.05 -6.85
CA SER D 48 -7.21 36.32 -6.03
C SER D 48 -8.32 35.73 -6.88
N ARG D 49 -8.36 36.09 -8.16
CA ARG D 49 -9.33 35.50 -9.07
C ARG D 49 -8.59 34.80 -10.19
N VAL D 50 -9.27 33.92 -10.93
CA VAL D 50 -8.63 33.21 -12.02
C VAL D 50 -8.06 34.20 -13.05
N ILE D 51 -6.94 33.83 -13.66
CA ILE D 51 -6.20 34.76 -14.50
C ILE D 51 -6.14 34.29 -15.95
N ASN D 52 -6.43 35.21 -16.86
CA ASN D 52 -6.21 34.97 -18.28
C ASN D 52 -4.83 35.51 -18.67
N TYR D 53 -3.85 34.62 -18.71
CA TYR D 53 -2.46 35.04 -18.91
C TYR D 53 -2.20 35.56 -20.33
N GLU D 54 -3.03 35.19 -21.28
CA GLU D 54 -2.85 35.67 -22.64
C GLU D 54 -3.32 37.11 -22.75
N ASN D 55 -4.44 37.41 -22.11
CA ASN D 55 -4.96 38.78 -22.06
C ASN D 55 -4.01 39.72 -21.31
N GLU D 56 -3.48 39.24 -20.18
CA GLU D 56 -2.54 40.01 -19.38
C GLU D 56 -1.27 40.37 -20.14
N LEU D 57 -0.78 39.43 -20.94
CA LEU D 57 0.43 39.66 -21.71
C LEU D 57 0.14 40.61 -22.86
N SER D 58 -1.01 40.44 -23.49
CA SER D 58 -1.40 41.29 -24.63
C SER D 58 -1.45 42.76 -24.25
N SER D 59 -1.84 43.05 -23.01
CA SER D 59 -1.93 44.43 -22.58
C SER D 59 -0.88 44.81 -21.54
N VAL D 60 0.32 44.22 -21.62
CA VAL D 60 1.41 44.74 -20.80
C VAL D 60 1.93 46.04 -21.41
N ARG D 61 2.23 46.99 -20.56
CA ARG D 61 2.96 48.16 -20.98
C ARG D 61 4.30 48.17 -20.23
N LEU D 62 5.38 48.08 -21.00
CA LEU D 62 6.71 47.86 -20.44
C LEU D 62 7.12 48.91 -19.40
N HIS D 63 6.64 50.14 -19.56
CA HIS D 63 7.01 51.20 -18.62
C HIS D 63 6.29 51.06 -17.27
N ASN D 64 5.33 50.14 -17.18
CA ASN D 64 4.68 49.89 -15.90
C ASN D 64 5.50 48.99 -15.00
N PHE D 65 6.54 48.39 -15.57
CA PHE D 65 7.44 47.56 -14.78
C PHE D 65 8.33 48.41 -13.90
N SER D 66 8.60 47.91 -12.71
CA SER D 66 9.56 48.53 -11.83
C SER D 66 10.57 47.48 -11.39
N ILE D 67 11.84 47.70 -11.72
CA ILE D 67 12.89 46.83 -11.24
C ILE D 67 13.82 47.62 -10.34
N ALA D 68 14.13 47.06 -9.18
CA ALA D 68 14.95 47.76 -8.22
C ALA D 68 15.99 46.85 -7.56
N LYS D 69 17.18 47.39 -7.37
CA LYS D 69 18.26 46.75 -6.63
C LYS D 69 19.12 47.89 -6.14
N ASN D 70 19.70 47.71 -4.95
CA ASN D 70 20.42 48.77 -4.27
C ASN D 70 21.59 49.33 -5.07
N ASN D 71 22.24 48.50 -5.88
CA ASN D 71 23.40 48.95 -6.65
C ASN D 71 23.21 48.85 -8.17
N ALA D 72 21.99 49.06 -8.65
CA ALA D 72 21.75 48.97 -10.09
C ALA D 72 20.67 49.92 -10.57
N PHE D 73 20.62 50.10 -11.88
CA PHE D 73 19.68 51.02 -12.51
C PHE D 73 19.14 50.34 -13.77
N LEU D 74 17.95 49.77 -13.65
CA LEU D 74 17.44 48.83 -14.64
C LEU D 74 16.14 49.24 -15.29
N GLY D 75 16.09 49.16 -16.62
CA GLY D 75 14.84 49.32 -17.32
C GLY D 75 14.44 48.06 -18.10
N VAL D 76 13.14 47.78 -18.15
CA VAL D 76 12.64 46.69 -18.99
C VAL D 76 12.59 47.12 -20.46
N VAL D 77 13.24 46.34 -21.31
CA VAL D 77 13.25 46.57 -22.76
C VAL D 77 12.18 45.74 -23.47
N SER D 78 11.92 44.54 -22.95
CA SER D 78 11.13 43.53 -23.63
C SER D 78 10.50 42.59 -22.60
N ALA D 79 9.42 41.89 -22.97
CA ALA D 79 8.81 40.87 -22.10
C ALA D 79 8.15 39.77 -22.90
N LYS D 80 8.28 38.54 -22.43
CA LYS D 80 7.59 37.41 -23.03
C LYS D 80 7.44 36.33 -21.97
N TYR D 81 6.55 35.39 -22.18
CA TYR D 81 6.49 34.22 -21.31
C TYR D 81 7.50 33.16 -21.74
N LYS D 82 8.01 32.42 -20.76
CA LYS D 82 8.55 31.09 -20.99
C LYS D 82 7.85 30.20 -19.96
N GLY D 83 6.91 29.38 -20.42
CA GLY D 83 6.07 28.64 -19.48
C GLY D 83 5.40 29.60 -18.54
N VAL D 84 5.54 29.34 -17.23
CA VAL D 84 4.85 30.13 -16.22
C VAL D 84 5.72 31.27 -15.72
N ASN D 85 6.90 31.43 -16.30
CA ASN D 85 7.79 32.54 -15.96
C ASN D 85 7.68 33.68 -16.95
N LEU D 86 7.71 34.90 -16.43
CA LEU D 86 7.90 36.07 -17.25
C LEU D 86 9.39 36.27 -17.47
N VAL D 87 9.81 36.42 -18.72
CA VAL D 87 11.23 36.68 -19.02
C VAL D 87 11.38 38.11 -19.52
N LEU D 88 12.05 38.95 -18.75
CA LEU D 88 12.21 40.38 -19.10
C LEU D 88 13.60 40.67 -19.61
N LYS D 89 13.69 41.18 -20.82
CA LYS D 89 14.96 41.69 -21.30
C LYS D 89 15.16 43.07 -20.71
N VAL D 90 16.33 43.29 -20.11
CA VAL D 90 16.61 44.57 -19.48
C VAL D 90 17.79 45.25 -20.17
N ASN D 91 17.96 46.54 -19.90
CA ASN D 91 18.97 47.33 -20.61
C ASN D 91 20.32 47.35 -19.88
N GLN D 92 20.52 46.42 -18.95
CA GLN D 92 21.81 46.31 -18.27
C GLN D 92 22.16 44.89 -17.82
N VAL D 93 23.40 44.49 -18.09
CA VAL D 93 23.91 43.17 -17.70
C VAL D 93 24.23 43.11 -16.21
N ASN D 94 23.82 42.03 -15.53
CA ASN D 94 24.19 41.91 -14.13
C ASN D 94 25.69 41.74 -14.05
N PRO D 95 26.38 42.75 -13.48
CA PRO D 95 27.84 42.64 -13.41
C PRO D 95 28.28 41.47 -12.53
N ASN D 96 27.43 41.09 -11.58
CA ASN D 96 27.73 39.99 -10.68
C ASN D 96 27.12 38.68 -11.13
N THR D 97 26.91 38.50 -12.43
CA THR D 97 26.34 37.24 -12.91
C THR D 97 27.34 36.11 -12.68
N PRO D 98 26.96 35.11 -11.89
CA PRO D 98 27.87 33.99 -11.69
C PRO D 98 27.77 33.01 -12.84
N GLU D 99 28.82 32.23 -13.04
CA GLU D 99 28.76 31.04 -13.86
C GLU D 99 27.60 30.17 -13.34
N HIS D 100 26.71 29.74 -14.23
CA HIS D 100 25.52 29.03 -13.75
C HIS D 100 24.89 28.19 -14.85
N LYS D 101 24.06 27.23 -14.43
CA LYS D 101 23.21 26.47 -15.35
C LYS D 101 21.83 26.37 -14.74
N PHE D 102 20.84 26.06 -15.57
CA PHE D 102 19.50 25.71 -15.10
C PHE D 102 19.36 24.19 -15.16
N LYS D 103 18.81 23.58 -14.11
CA LYS D 103 18.39 22.19 -14.19
C LYS D 103 17.18 21.99 -13.28
N SER D 104 16.50 20.86 -13.48
CA SER D 104 15.33 20.54 -12.69
C SER D 104 15.77 19.56 -11.59
N VAL D 105 15.17 19.64 -10.40
CA VAL D 105 15.46 18.64 -9.38
C VAL D 105 14.44 17.51 -9.52
N ARG D 106 14.87 16.30 -9.17
CA ARG D 106 14.01 15.13 -9.22
C ARG D 106 13.45 14.83 -7.83
N PRO D 107 12.34 14.07 -7.74
CA PRO D 107 11.83 13.62 -6.45
C PRO D 107 12.95 13.06 -5.56
N GLY D 108 12.95 13.41 -4.27
CA GLY D 108 13.99 12.94 -3.38
C GLY D 108 15.23 13.81 -3.30
N GLU D 109 15.39 14.72 -4.26
CA GLU D 109 16.58 15.56 -4.26
C GLU D 109 16.39 16.81 -3.42
N SER D 110 17.46 17.19 -2.70
CA SER D 110 17.42 18.36 -1.83
C SER D 110 18.02 19.59 -2.52
N PHE D 111 17.48 20.76 -2.19
CA PHE D 111 18.06 22.00 -2.69
C PHE D 111 17.85 23.12 -1.69
N ASN D 112 18.41 24.27 -1.98
CA ASN D 112 18.33 25.43 -1.10
C ASN D 112 17.35 26.47 -1.59
N ILE D 113 16.58 27.01 -0.67
CA ILE D 113 15.74 28.17 -0.95
C ILE D 113 16.37 29.44 -0.39
N LEU D 114 16.52 30.45 -1.23
CA LEU D 114 16.77 31.79 -0.73
C LEU D 114 15.44 32.53 -0.77
N ALA D 115 14.84 32.67 0.40
CA ALA D 115 13.57 33.36 0.56
C ALA D 115 13.79 34.86 0.52
N CYS D 116 13.11 35.52 -0.41
CA CYS D 116 13.25 36.96 -0.58
C CYS D 116 11.91 37.64 -0.39
N TYR D 117 11.96 38.85 0.15
CA TYR D 117 10.76 39.58 0.49
C TYR D 117 10.81 40.92 -0.22
N GLU D 118 10.04 41.02 -1.30
CA GLU D 118 10.01 42.23 -2.13
C GLU D 118 11.40 42.68 -2.58
N GLY D 119 12.16 41.75 -3.14
CA GLY D 119 13.49 42.06 -3.64
C GLY D 119 14.62 41.88 -2.64
N CYS D 120 14.29 41.75 -1.36
CA CYS D 120 15.32 41.64 -0.34
C CYS D 120 15.52 40.21 0.16
N PRO D 121 16.71 39.64 -0.10
CA PRO D 121 17.05 38.34 0.49
C PRO D 121 16.84 38.41 2.02
N GLY D 122 16.03 37.50 2.54
CA GLY D 122 15.72 37.51 3.96
C GLY D 122 16.16 36.23 4.67
N SER D 123 16.03 35.09 4.01
CA SER D 123 16.44 33.86 4.67
C SER D 123 16.86 32.82 3.67
N VAL D 124 17.45 31.75 4.18
CA VAL D 124 17.94 30.65 3.38
C VAL D 124 17.76 29.35 4.16
N TYR D 125 17.27 28.31 3.49
CA TYR D 125 17.02 27.04 4.15
C TYR D 125 16.90 25.88 3.17
N GLY D 126 17.09 24.66 3.68
CA GLY D 126 17.06 23.46 2.85
C GLY D 126 15.67 22.87 2.70
N VAL D 127 15.42 22.28 1.53
CA VAL D 127 14.15 21.64 1.31
C VAL D 127 14.40 20.37 0.55
N ASN D 128 13.32 19.65 0.25
CA ASN D 128 13.43 18.39 -0.47
C ASN D 128 12.25 18.24 -1.45
N MET D 129 12.54 17.97 -2.72
CA MET D 129 11.46 17.85 -3.73
C MET D 129 10.72 16.51 -3.53
N ARG D 130 9.40 16.58 -3.39
CA ARG D 130 8.60 15.35 -3.23
C ARG D 130 8.08 14.86 -4.58
N SER D 131 7.57 13.64 -4.59
CA SER D 131 7.20 12.99 -5.84
C SER D 131 6.02 13.66 -6.57
N GLN D 132 5.18 14.40 -5.84
CA GLN D 132 4.09 15.15 -6.45
C GLN D 132 4.55 16.56 -6.89
N GLY D 133 5.85 16.82 -6.77
CA GLY D 133 6.39 18.08 -7.26
C GLY D 133 6.09 19.26 -6.36
N THR D 134 6.01 19.00 -5.06
CA THR D 134 5.83 20.07 -4.07
C THR D 134 6.99 20.04 -3.07
N ILE D 135 7.14 21.11 -2.32
CA ILE D 135 8.11 21.15 -1.25
C ILE D 135 7.37 21.63 -0.02
N LYS D 136 7.90 21.30 1.14
CA LYS D 136 7.42 21.87 2.37
C LYS D 136 8.39 22.96 2.76
N GLY D 137 8.06 24.20 2.43
CA GLY D 137 8.91 25.31 2.78
C GLY D 137 8.19 26.25 3.71
N SER D 138 8.53 27.53 3.60
CA SER D 138 7.83 28.54 4.37
C SER D 138 7.79 29.81 3.55
N PHE D 139 6.69 29.98 2.82
CA PHE D 139 6.50 31.16 1.98
C PHE D 139 5.25 31.91 2.40
N ILE D 140 5.33 33.23 2.39
CA ILE D 140 4.16 34.06 2.64
C ILE D 140 4.01 35.09 1.51
N ALA D 141 3.02 35.97 1.64
CA ALA D 141 2.86 37.03 0.67
C ALA D 141 4.13 37.88 0.58
N GLY D 142 4.60 38.10 -0.64
CA GLY D 142 5.76 38.93 -0.86
C GLY D 142 6.99 38.12 -1.24
N THR D 143 6.89 36.80 -1.10
CA THR D 143 8.01 35.90 -1.33
C THR D 143 7.96 35.17 -2.64
N CYS D 144 6.98 35.46 -3.51
CA CYS D 144 7.00 34.81 -4.82
C CYS D 144 8.26 35.20 -5.57
N GLY D 145 8.77 34.27 -6.39
CA GLY D 145 10.01 34.52 -7.10
C GLY D 145 11.25 34.24 -6.27
N SER D 146 11.05 33.83 -5.02
CA SER D 146 12.15 33.29 -4.22
C SER D 146 12.77 32.15 -5.04
N VAL D 147 14.08 32.01 -4.93
CA VAL D 147 14.85 31.21 -5.88
C VAL D 147 15.41 29.98 -5.17
N GLY D 148 15.32 28.82 -5.83
CA GLY D 148 15.99 27.62 -5.35
C GLY D 148 17.25 27.31 -6.14
N TYR D 149 18.29 26.82 -5.48
CA TYR D 149 19.55 26.55 -6.14
C TYR D 149 20.27 25.34 -5.56
N VAL D 150 21.14 24.74 -6.34
CA VAL D 150 22.07 23.77 -5.78
C VAL D 150 23.48 24.10 -6.24
N LEU D 151 24.44 23.91 -5.31
CA LEU D 151 25.85 23.88 -5.65
C LEU D 151 26.24 22.41 -5.74
N GLU D 152 26.59 21.99 -6.95
CA GLU D 152 26.75 20.58 -7.25
C GLU D 152 27.94 20.45 -8.18
N ASN D 153 29.01 19.82 -7.70
CA ASN D 153 30.21 19.64 -8.50
C ASN D 153 30.88 20.97 -8.89
N GLY D 154 30.90 21.91 -7.94
CA GLY D 154 31.53 23.20 -8.18
C GLY D 154 30.69 24.11 -9.05
N THR D 155 29.54 23.59 -9.49
CA THR D 155 28.64 24.32 -10.38
C THR D 155 27.45 24.92 -9.62
N LEU D 156 27.06 26.13 -9.98
CA LEU D 156 25.82 26.71 -9.48
C LEU D 156 24.66 26.37 -10.40
N TYR D 157 23.66 25.67 -9.87
CA TYR D 157 22.40 25.42 -10.61
C TYR D 157 21.22 26.16 -10.01
N PHE D 158 20.48 26.89 -10.85
CA PHE D 158 19.17 27.39 -10.40
C PHE D 158 18.08 26.38 -10.75
N VAL D 159 17.28 25.99 -9.76
CA VAL D 159 16.37 24.86 -9.93
C VAL D 159 14.92 25.17 -9.64
N TYR D 160 14.66 26.33 -9.07
CA TYR D 160 13.33 26.59 -8.59
C TYR D 160 13.05 28.06 -8.47
N MET D 161 11.79 28.43 -8.73
CA MET D 161 11.27 29.76 -8.47
C MET D 161 9.85 29.67 -7.91
N HIS D 162 9.60 30.31 -6.77
CA HIS D 162 8.34 30.10 -6.06
C HIS D 162 7.14 30.81 -6.65
N HIS D 163 6.01 30.10 -6.73
CA HIS D 163 4.78 30.63 -7.34
C HIS D 163 3.55 30.67 -6.44
N LEU D 164 3.37 29.62 -5.62
CA LEU D 164 2.11 29.47 -4.90
C LEU D 164 2.11 28.38 -3.84
N GLU D 165 1.07 28.41 -3.01
CA GLU D 165 0.83 27.39 -2.00
C GLU D 165 -0.52 26.71 -2.23
N LEU D 166 -0.54 25.38 -2.23
CA LEU D 166 -1.79 24.65 -2.41
C LEU D 166 -2.70 24.78 -1.20
N GLY D 167 -3.94 24.32 -1.33
CA GLY D 167 -4.91 24.47 -0.27
C GLY D 167 -4.47 23.77 1.01
N ASN D 168 -3.77 22.65 0.83
CA ASN D 168 -3.23 21.87 1.92
C ASN D 168 -1.95 22.46 2.51
N GLY D 169 -1.43 23.50 1.87
CA GLY D 169 -0.29 24.19 2.43
C GLY D 169 1.06 23.81 1.85
N SER D 170 1.09 22.83 0.96
CA SER D 170 2.32 22.48 0.28
C SER D 170 2.71 23.60 -0.70
N HIS D 171 3.99 23.68 -1.03
CA HIS D 171 4.49 24.82 -1.80
C HIS D 171 4.91 24.42 -3.21
N VAL D 172 4.56 25.27 -4.16
CA VAL D 172 4.69 24.95 -5.58
C VAL D 172 5.49 26.03 -6.32
N GLY D 173 6.41 25.60 -7.18
CA GLY D 173 7.17 26.52 -7.99
C GLY D 173 7.56 25.92 -9.34
N SER D 174 8.30 26.68 -10.15
CA SER D 174 8.75 26.23 -11.47
C SER D 174 10.25 26.04 -11.51
N ASN D 175 10.76 25.30 -12.48
CA ASN D 175 12.18 25.45 -12.80
C ASN D 175 12.37 26.77 -13.57
N LEU D 176 13.60 27.08 -13.93
CA LEU D 176 13.86 28.40 -14.50
C LEU D 176 13.52 28.39 -15.99
N GLU D 177 13.15 27.23 -16.52
CA GLU D 177 12.60 27.12 -17.87
C GLU D 177 11.07 27.33 -17.88
N GLY D 178 10.49 27.65 -16.72
CA GLY D 178 9.07 27.98 -16.65
C GLY D 178 8.13 26.78 -16.57
N GLU D 179 8.68 25.59 -16.36
CA GLU D 179 7.87 24.39 -16.11
C GLU D 179 7.54 24.25 -14.62
N MET D 180 6.26 24.31 -14.26
CA MET D 180 5.87 24.16 -12.86
C MET D 180 6.12 22.73 -12.42
N TYR D 181 6.74 22.58 -11.26
CA TYR D 181 6.96 21.24 -10.73
C TYR D 181 5.62 20.60 -10.43
N GLY D 182 5.52 19.30 -10.69
CA GLY D 182 4.27 18.57 -10.45
C GLY D 182 3.11 18.97 -11.35
N GLY D 183 3.38 19.85 -12.31
CA GLY D 183 2.38 20.30 -13.28
C GLY D 183 1.21 21.09 -12.75
N TYR D 184 1.38 21.73 -11.60
CA TYR D 184 0.31 22.58 -11.08
C TYR D 184 0.17 23.86 -11.89
N GLU D 185 -1.00 24.49 -11.81
CA GLU D 185 -1.31 25.70 -12.55
C GLU D 185 -1.12 26.92 -11.68
N ASP D 186 -0.56 27.99 -12.24
CA ASP D 186 -0.42 29.22 -11.48
C ASP D 186 -1.76 29.98 -11.45
N GLN D 187 -2.74 29.31 -10.83
CA GLN D 187 -4.10 29.82 -10.69
C GLN D 187 -4.55 29.72 -9.25
N PRO D 188 -5.31 30.72 -8.76
CA PRO D 188 -5.82 30.63 -7.38
C PRO D 188 -6.92 29.60 -7.23
N SER D 189 -6.98 28.65 -8.15
CA SER D 189 -7.99 27.62 -8.15
C SER D 189 -7.64 26.47 -7.20
N MET D 190 -8.65 25.67 -6.87
CA MET D 190 -8.49 24.47 -6.06
C MET D 190 -7.73 23.39 -6.82
N GLN D 191 -6.55 23.02 -6.32
CA GLN D 191 -5.78 21.91 -6.94
C GLN D 191 -5.30 20.93 -5.90
N LEU D 192 -5.49 19.65 -6.18
CA LEU D 192 -5.18 18.57 -5.25
C LEU D 192 -3.74 18.09 -5.41
N GLU D 193 -3.14 17.58 -4.34
CA GLU D 193 -1.75 17.14 -4.45
C GLU D 193 -1.59 15.66 -4.75
N GLY D 194 -2.36 14.82 -4.09
CA GLY D 194 -2.16 13.39 -4.23
C GLY D 194 -1.05 12.91 -3.31
N THR D 195 -0.64 11.66 -3.46
CA THR D 195 0.20 11.03 -2.45
C THR D 195 1.68 11.02 -2.82
N ASN D 196 2.49 11.52 -1.90
CA ASN D 196 3.93 11.55 -2.08
C ASN D 196 4.53 10.21 -1.75
N VAL D 197 5.38 9.74 -2.65
CA VAL D 197 6.15 8.54 -2.42
C VAL D 197 7.42 8.89 -1.62
N MET D 198 7.62 8.23 -0.49
CA MET D 198 8.80 8.46 0.33
C MET D 198 10.05 7.98 -0.36
N SER D 199 11.12 8.77 -0.32
CA SER D 199 12.40 8.30 -0.83
C SER D 199 13.06 7.30 0.10
N SER D 200 13.11 6.02 -0.31
CA SER D 200 13.75 4.99 0.50
C SER D 200 15.24 5.30 0.75
N ASP D 201 15.93 5.78 -0.28
CA ASP D 201 17.33 6.20 -0.12
C ASP D 201 17.49 7.24 0.98
N ASN D 202 16.59 8.22 0.99
CA ASN D 202 16.62 9.25 2.01
C ASN D 202 16.28 8.72 3.40
N VAL D 203 15.30 7.82 3.46
CA VAL D 203 14.94 7.24 4.74
C VAL D 203 16.12 6.44 5.26
N VAL D 204 16.79 5.67 4.40
CA VAL D 204 17.93 4.89 4.84
C VAL D 204 19.06 5.79 5.39
N ALA D 205 19.32 6.89 4.68
CA ALA D 205 20.30 7.88 5.10
C ALA D 205 19.95 8.43 6.48
N PHE D 206 18.66 8.66 6.68
CA PHE D 206 18.20 9.25 7.92
C PHE D 206 18.40 8.31 9.11
N LEU D 207 18.21 7.01 8.88
CA LEU D 207 18.42 6.03 9.96
C LEU D 207 19.90 5.90 10.26
N TYR D 208 20.75 5.97 9.23
CA TYR D 208 22.19 5.96 9.44
C TYR D 208 22.61 7.16 10.30
N ALA D 209 22.03 8.31 10.00
CA ALA D 209 22.31 9.52 10.76
C ALA D 209 21.87 9.35 12.21
N ALA D 210 20.73 8.70 12.40
CA ALA D 210 20.21 8.41 13.73
C ALA D 210 21.19 7.53 14.50
N LEU D 211 21.70 6.49 13.85
CA LEU D 211 22.67 5.57 14.44
C LEU D 211 23.95 6.27 14.88
N ILE D 212 24.49 7.08 13.96
CA ILE D 212 25.69 7.86 14.22
C ILE D 212 25.50 8.81 15.38
N ASN D 213 24.29 9.31 15.55
CA ASN D 213 24.04 10.20 16.68
C ASN D 213 23.46 9.47 17.90
N GLY D 214 23.67 8.16 17.95
CA GLY D 214 23.39 7.42 19.17
C GLY D 214 21.99 6.89 19.38
N GLU D 215 21.11 7.02 18.38
CA GLU D 215 19.79 6.41 18.46
C GLU D 215 19.88 4.93 18.09
N ARG D 216 19.44 4.06 18.99
CA ARG D 216 19.63 2.61 18.81
C ARG D 216 18.40 1.76 19.08
N TRP D 217 17.34 2.35 19.63
CA TRP D 217 16.22 1.56 20.11
C TRP D 217 15.54 0.76 19.02
N PHE D 218 15.60 1.25 17.80
CA PHE D 218 14.79 0.69 16.72
C PHE D 218 15.51 -0.43 15.97
N VAL D 219 16.81 -0.57 16.20
CA VAL D 219 17.61 -1.46 15.38
C VAL D 219 17.77 -2.82 16.05
N THR D 220 17.70 -3.85 15.23
CA THR D 220 17.93 -5.23 15.61
C THR D 220 18.96 -5.76 14.59
N ASN D 221 19.47 -6.98 14.76
CA ASN D 221 20.45 -7.47 13.82
C ASN D 221 19.85 -8.41 12.81
N THR D 222 18.52 -8.44 12.74
CA THR D 222 17.89 -9.14 11.64
C THR D 222 17.93 -8.25 10.40
N SER D 223 18.20 -8.83 9.24
CA SER D 223 18.24 -8.05 8.02
C SER D 223 17.16 -8.51 7.05
N MET D 224 16.89 -7.67 6.04
CA MET D 224 15.93 -7.97 5.00
C MET D 224 16.59 -7.74 3.64
N THR D 225 16.38 -8.64 2.69
CA THR D 225 17.06 -8.51 1.40
C THR D 225 16.51 -7.31 0.65
N LEU D 226 17.37 -6.72 -0.19
CA LEU D 226 16.96 -5.63 -1.06
C LEU D 226 15.67 -6.00 -1.82
N GLU D 227 15.64 -7.24 -2.31
CA GLU D 227 14.51 -7.74 -3.10
C GLU D 227 13.20 -7.72 -2.31
N SER D 228 13.24 -8.35 -1.15
CA SER D 228 12.10 -8.35 -0.25
C SER D 228 11.70 -6.93 0.08
N TYR D 229 12.68 -6.09 0.38
CA TYR D 229 12.37 -4.72 0.75
C TYR D 229 11.64 -4.02 -0.39
N ASN D 230 12.15 -4.15 -1.60
CA ASN D 230 11.54 -3.46 -2.74
C ASN D 230 10.12 -3.93 -3.08
N ALA D 231 9.83 -5.21 -2.87
CA ALA D 231 8.48 -5.71 -3.05
C ALA D 231 7.51 -4.99 -2.09
N TRP D 232 7.93 -4.85 -0.84
CA TRP D 232 7.20 -4.10 0.17
C TRP D 232 7.04 -2.63 -0.21
N ALA D 233 8.13 -2.03 -0.67
CA ALA D 233 8.14 -0.61 -0.98
C ALA D 233 7.13 -0.29 -2.07
N LYS D 234 7.04 -1.19 -3.04
CA LYS D 234 6.23 -0.96 -4.23
C LYS D 234 4.76 -0.74 -3.89
N THR D 235 4.34 -1.32 -2.79
CA THR D 235 2.94 -1.23 -2.39
C THR D 235 2.72 -0.24 -1.27
N ASN D 236 3.79 0.17 -0.60
CA ASN D 236 3.68 1.06 0.55
C ASN D 236 4.05 2.52 0.27
N SER D 237 4.06 2.91 -1.00
CA SER D 237 4.40 4.28 -1.40
C SER D 237 5.79 4.71 -0.93
N PHE D 238 6.75 3.79 -1.04
CA PHE D 238 8.17 4.06 -0.87
C PHE D 238 8.82 3.74 -2.20
N THR D 239 9.92 4.41 -2.53
CA THR D 239 10.63 4.11 -3.78
C THR D 239 11.43 2.84 -3.63
N GLU D 240 11.75 2.20 -4.75
CA GLU D 240 12.59 1.02 -4.69
C GLU D 240 14.04 1.46 -4.66
N ILE D 241 14.89 0.69 -3.97
CA ILE D 241 16.31 1.02 -3.88
C ILE D 241 17.05 0.24 -4.96
N VAL D 242 17.87 0.92 -5.76
CA VAL D 242 18.57 0.27 -6.85
C VAL D 242 19.89 -0.41 -6.46
N SER D 243 20.81 0.35 -5.86
CA SER D 243 22.01 -0.28 -5.29
C SER D 243 22.33 0.27 -3.89
N THR D 244 22.93 -0.58 -3.07
CA THR D 244 23.31 -0.17 -1.72
C THR D 244 24.65 0.57 -1.73
N ASP D 245 25.23 0.73 -2.92
CA ASP D 245 26.56 1.32 -3.11
C ASP D 245 26.69 2.70 -2.50
N ALA D 246 25.64 3.50 -2.63
CA ALA D 246 25.61 4.84 -2.05
C ALA D 246 25.61 4.86 -0.51
N PHE D 247 25.71 3.70 0.12
CA PHE D 247 25.65 3.64 1.57
C PHE D 247 26.89 2.99 2.15
N ASN D 248 27.80 2.59 1.28
CA ASN D 248 28.92 1.76 1.70
C ASN D 248 29.80 2.44 2.74
N MET D 249 30.00 3.74 2.58
CA MET D 249 30.75 4.49 3.56
C MET D 249 29.97 4.51 4.87
N LEU D 250 28.67 4.80 4.81
CA LEU D 250 27.85 4.83 6.01
C LEU D 250 27.82 3.43 6.67
N ALA D 251 27.75 2.37 5.87
CA ALA D 251 27.72 1.01 6.40
C ALA D 251 29.05 0.59 7.01
N ALA D 252 30.15 1.06 6.42
CA ALA D 252 31.49 0.81 6.97
C ALA D 252 31.72 1.52 8.29
N LYS D 253 31.41 2.81 8.32
CA LYS D 253 31.58 3.65 9.50
C LYS D 253 30.75 3.18 10.68
N THR D 254 29.52 2.73 10.43
CA THR D 254 28.64 2.32 11.53
C THR D 254 28.66 0.84 11.82
N GLY D 255 29.05 0.03 10.84
CA GLY D 255 29.06 -1.41 11.01
C GLY D 255 27.68 -2.01 10.77
N TYR D 256 26.74 -1.19 10.32
CA TYR D 256 25.39 -1.63 10.02
C TYR D 256 25.14 -1.71 8.51
N SER D 257 24.81 -2.90 8.03
CA SER D 257 24.49 -3.11 6.62
C SER D 257 23.18 -2.41 6.25
N VAL D 258 23.00 -2.09 4.96
CA VAL D 258 21.77 -1.47 4.52
C VAL D 258 20.58 -2.40 4.82
N GLU D 259 20.78 -3.69 4.55
CA GLU D 259 19.75 -4.70 4.75
C GLU D 259 19.17 -4.67 6.17
N LYS D 260 20.01 -4.44 7.18
CA LYS D 260 19.50 -4.29 8.54
C LYS D 260 18.62 -3.04 8.67
N LEU D 261 18.96 -1.96 7.96
CA LEU D 261 18.13 -0.76 8.01
C LEU D 261 16.83 -0.93 7.22
N LEU D 262 16.88 -1.74 6.16
CA LEU D 262 15.67 -1.95 5.35
C LEU D 262 14.60 -2.61 6.20
N GLU D 263 15.03 -3.56 7.02
CA GLU D 263 14.15 -4.20 7.99
C GLU D 263 13.56 -3.20 8.97
N CYS D 264 14.37 -2.24 9.41
CA CYS D 264 13.88 -1.23 10.34
C CYS D 264 12.75 -0.43 9.74
N ILE D 265 12.90 -0.09 8.46
CA ILE D 265 11.94 0.78 7.79
C ILE D 265 10.56 0.14 7.74
N VAL D 266 10.53 -1.15 7.40
CA VAL D 266 9.29 -1.90 7.31
C VAL D 266 8.58 -1.88 8.66
N ARG D 267 9.35 -2.12 9.72
CA ARG D 267 8.83 -1.98 11.07
C ARG D 267 8.39 -0.56 11.40
N LEU D 268 9.27 0.42 11.21
CA LEU D 268 9.01 1.76 11.73
C LEU D 268 7.94 2.49 10.96
N ASN D 269 7.65 2.06 9.74
CA ASN D 269 6.61 2.74 8.99
C ASN D 269 5.25 2.53 9.64
N LYS D 270 5.12 1.46 10.42
CA LYS D 270 3.89 1.21 11.14
C LYS D 270 3.73 2.16 12.32
N GLY D 271 4.83 2.77 12.75
CA GLY D 271 4.77 3.74 13.84
C GLY D 271 5.90 3.56 14.84
N PHE D 272 6.20 4.60 15.60
CA PHE D 272 7.34 4.60 16.51
C PHE D 272 6.92 4.10 17.91
N GLY D 273 5.64 3.77 18.07
CA GLY D 273 5.14 3.34 19.36
C GLY D 273 5.20 4.44 20.40
N GLY D 274 5.26 5.68 19.93
CA GLY D 274 5.34 6.80 20.86
C GLY D 274 6.75 7.34 21.05
N ARG D 275 7.75 6.61 20.58
CA ARG D 275 9.15 7.04 20.70
C ARG D 275 9.55 8.04 19.62
N THR D 276 10.74 8.63 19.78
CA THR D 276 11.28 9.53 18.77
C THR D 276 12.59 9.01 18.22
N ILE D 277 12.94 9.49 17.03
CA ILE D 277 14.23 9.27 16.44
C ILE D 277 14.76 10.65 16.04
N LEU D 278 15.80 11.13 16.72
CA LEU D 278 16.33 12.48 16.51
C LEU D 278 15.20 13.53 16.52
N SER D 279 14.35 13.43 17.53
CA SER D 279 13.21 14.34 17.75
C SER D 279 12.07 14.22 16.71
N TYR D 280 12.22 13.38 15.70
CA TYR D 280 11.13 13.13 14.75
C TYR D 280 10.16 12.06 15.27
N GLY D 281 8.88 12.16 14.88
CA GLY D 281 7.86 11.25 15.35
C GLY D 281 7.45 10.17 14.34
N SER D 282 8.03 10.25 13.15
CA SER D 282 7.74 9.27 12.10
C SER D 282 8.92 9.31 11.14
N LEU D 283 8.98 8.38 10.18
CA LEU D 283 10.12 8.31 9.27
C LEU D 283 10.26 9.62 8.46
N CYS D 284 11.50 10.02 8.19
CA CYS D 284 11.78 11.28 7.51
C CYS D 284 12.58 11.09 6.21
N ASP D 285 12.09 11.62 5.09
CA ASP D 285 12.82 11.42 3.85
C ASP D 285 13.36 12.72 3.24
N GLU D 286 13.51 13.76 4.05
CA GLU D 286 14.02 15.04 3.56
C GLU D 286 15.55 15.12 3.48
N PHE D 287 16.25 14.14 4.08
CA PHE D 287 17.73 14.09 4.04
C PHE D 287 18.25 13.05 3.04
N THR D 288 19.08 13.49 2.10
CA THR D 288 19.68 12.58 1.13
C THR D 288 20.91 11.89 1.68
N PRO D 289 21.32 10.77 1.08
CA PRO D 289 22.60 10.17 1.49
C PRO D 289 23.74 11.18 1.45
N THR D 290 23.78 12.01 0.41
CA THR D 290 24.78 13.07 0.29
C THR D 290 24.75 14.04 1.46
N GLU D 291 23.57 14.60 1.73
CA GLU D 291 23.40 15.50 2.84
C GLU D 291 23.92 14.88 4.15
N VAL D 292 23.61 13.60 4.37
CA VAL D 292 24.01 12.95 5.61
C VAL D 292 25.51 12.77 5.64
N ILE D 293 26.08 12.35 4.52
CA ILE D 293 27.51 12.07 4.49
C ILE D 293 28.38 13.31 4.73
N ARG D 294 28.04 14.42 4.10
CA ARG D 294 28.89 15.59 4.27
C ARG D 294 28.65 16.19 5.65
N GLN D 295 27.46 15.98 6.20
CA GLN D 295 27.17 16.52 7.51
C GLN D 295 27.86 15.70 8.63
N MET D 296 27.91 14.38 8.47
CA MET D 296 28.54 13.51 9.47
C MET D 296 30.04 13.39 9.28
N TYR D 297 30.52 13.51 8.05
CA TYR D 297 31.94 13.23 7.77
C TYR D 297 32.65 14.30 6.93
N GLY D 298 31.93 15.36 6.56
CA GLY D 298 32.52 16.48 5.85
C GLY D 298 33.17 16.15 4.52
N VAL D 299 32.44 15.48 3.63
CA VAL D 299 32.99 15.08 2.34
C VAL D 299 31.90 14.92 1.27
O1 BOC E 1 -17.61 -15.69 -13.30
C BOC E 1 -17.05 -15.61 -14.36
O2 BOC E 1 -17.17 -16.59 -15.39
CT BOC E 1 -18.23 -17.54 -15.34
C1 BOC E 1 -17.99 -18.56 -14.25
C2 BOC E 1 -18.19 -18.28 -16.71
C3 BOC E 1 -19.64 -16.89 -15.16
N SER E 2 -16.15 -14.45 -14.62
CA SER E 2 -16.15 -13.37 -13.65
C SER E 2 -17.45 -12.59 -13.79
N VAL E 3 -18.02 -11.98 -12.56
CA VAL E 3 -19.20 -11.22 -12.63
C VAL E 3 -18.83 -9.82 -12.12
N LEU E 4 -19.03 -8.69 -13.01
CA LEU E 4 -18.70 -7.36 -12.54
C LEU E 4 -19.76 -7.07 -11.48
O1 CEV E 5 -23.51 -4.92 -11.47
C3 CEV E 5 -23.76 -3.93 -12.46
C5 CEV E 5 -24.92 -4.35 -13.38
N49 CEV E 5 -19.38 -6.46 -10.25
C57 CEV E 5 -20.36 -6.21 -9.23
C59 CEV E 5 -19.86 -6.91 -7.95
C61 CEV E 5 -19.96 -8.44 -8.12
C63 CEV E 5 -20.59 -4.73 -9.08
C65 CEV E 5 -19.52 -9.19 -6.96
O66 CEV E 5 -18.51 -8.99 -6.31
N69 CEV E 5 -20.48 -10.28 -6.69
C71 CEV E 5 -21.49 -10.23 -7.63
C73 CEV E 5 -21.38 -8.82 -8.27
C82 CEV E 5 -21.33 -4.13 -10.33
C84 CEV E 5 -22.83 -4.48 -10.31
O88 CEV E 5 -23.46 -4.38 -9.26
O1 BOC F 1 -13.70 -13.82 37.57
C BOC F 1 -14.41 -13.59 38.52
O2 BOC F 1 -14.03 -13.90 39.86
CT BOC F 1 -13.40 -15.14 40.13
C1 BOC F 1 -13.40 -15.29 41.63
C2 BOC F 1 -11.93 -15.15 39.62
C3 BOC F 1 -14.19 -16.31 39.47
N SER F 2 -15.72 -12.95 38.32
CA SER F 2 -15.87 -12.16 37.11
C SER F 2 -14.83 -11.05 37.14
N VAL F 3 -14.32 -10.53 35.86
CA VAL F 3 -13.41 -9.48 35.90
C VAL F 3 -14.15 -8.26 35.36
N LEU F 4 -14.19 -7.07 36.17
CA LEU F 4 -14.87 -5.92 35.66
C LEU F 4 -13.94 -5.43 34.56
O1 CEV F 5 -10.82 -2.09 32.56
C3 CEV F 5 -10.78 -2.55 33.91
C5 CEV F 5 -9.34 -2.96 34.32
N49 CEV F 5 -14.47 -5.08 33.28
C57 CEV F 5 -13.54 -4.63 32.25
C59 CEV F 5 -13.68 -5.54 31.03
C61 CEV F 5 -13.17 -6.97 31.27
C63 CEV F 5 -13.85 -3.22 31.84
C65 CEV F 5 -13.48 -7.79 30.12
O66 CEV F 5 -14.55 -7.87 29.55
N69 CEV F 5 -12.27 -8.59 29.78
C71 CEV F 5 -11.24 -8.26 30.65
C73 CEV F 5 -11.68 -6.94 31.33
C82 CEV F 5 -13.29 -2.18 32.85
C84 CEV F 5 -12.08 -1.53 32.20
O88 CEV F 5 -12.21 -0.60 31.39
O1 BOC G 1 12.87 -2.21 -36.79
C BOC G 1 11.98 -1.48 -36.48
O2 BOC G 1 11.56 -0.39 -37.32
CT BOC G 1 11.13 -0.73 -38.64
C1 BOC G 1 10.36 0.43 -39.22
C2 BOC G 1 10.20 -1.98 -38.56
C3 BOC G 1 12.37 -1.01 -39.53
N SER G 2 11.31 -1.67 -35.18
CA SER G 2 11.80 -2.73 -34.32
C SER G 2 11.44 -4.08 -34.94
N VAL G 3 12.40 -5.21 -34.82
CA VAL G 3 12.07 -6.47 -35.36
C VAL G 3 11.64 -7.41 -34.22
N LEU G 4 10.33 -8.06 -34.26
CA LEU G 4 9.99 -8.95 -33.18
C LEU G 4 10.89 -10.16 -33.42
O1 CEV G 5 11.34 -14.95 -34.41
C3 CEV G 5 10.58 -14.01 -35.16
C5 CEV G 5 10.57 -14.45 -36.64
N49 CEV G 5 11.62 -10.71 -32.34
C57 CEV G 5 12.52 -11.82 -32.55
C59 CEV G 5 13.88 -11.38 -31.99
C61 CEV G 5 14.60 -10.38 -32.89
C63 CEV G 5 12.03 -13.01 -31.81
C65 CEV G 5 15.90 -10.04 -32.34
O66 CEV G 5 16.14 -9.76 -31.18
N69 CEV G 5 16.89 -10.06 -33.45
C71 CEV G 5 16.23 -10.41 -34.62
C73 CEV G 5 14.90 -11.04 -34.18
C82 CEV G 5 10.74 -13.58 -32.43
C84 CEV G 5 11.10 -14.92 -33.03
O88 CEV G 5 11.22 -15.91 -32.29
O1 BOC H 1 -6.13 27.34 -1.81
C BOC H 1 -6.67 27.25 -2.87
O2 BOC H 1 -8.10 27.37 -3.03
CT BOC H 1 -8.97 27.06 -1.93
C1 BOC H 1 -8.62 25.71 -1.32
C2 BOC H 1 -10.43 26.98 -2.50
C3 BOC H 1 -8.93 28.18 -0.86
N SER H 2 -5.85 27.05 -4.10
CA SER H 2 -4.46 27.48 -4.15
C SER H 2 -4.37 28.99 -3.90
N VAL H 3 -3.11 29.54 -3.35
CA VAL H 3 -2.97 30.92 -3.12
C VAL H 3 -1.66 31.36 -3.80
N LEU H 4 -1.70 32.36 -4.87
CA LEU H 4 -0.44 32.75 -5.48
C LEU H 4 0.32 33.56 -4.43
O1 CEV H 5 2.87 38.54 -4.09
C3 CEV H 5 2.19 38.66 -2.86
C5 CEV H 5 0.70 38.83 -3.17
N49 CEV H 5 1.73 33.31 -4.23
C57 CEV H 5 2.48 34.03 -3.21
C59 CEV H 5 3.03 32.99 -2.24
C61 CEV H 5 1.89 32.27 -1.48
C63 CEV H 5 3.57 34.85 -3.83
C65 CEV H 5 2.41 31.24 -0.61
O66 CEV H 5 3.13 30.31 -0.95
N69 CEV H 5 1.90 31.43 0.77
C71 CEV H 5 1.11 32.57 0.82
C73 CEV H 5 1.22 33.24 -0.56
C82 CEV H 5 3.05 36.08 -4.63
C84 CEV H 5 3.66 37.38 -4.14
O88 CEV H 5 4.83 37.45 -3.76
S DMS I . -24.25 -3.90 0.90
O DMS I . -23.57 -5.11 1.50
C1 DMS I . -25.53 -4.43 -0.26
C2 DMS I . -25.25 -3.08 2.17
S DMS J . -33.20 -6.89 29.40
O DMS J . -32.38 -7.77 30.27
C1 DMS J . -33.85 -7.84 28.01
C2 DMS J . -34.72 -6.42 30.26
#